data_5MP6
#
_entry.id   5MP6
#
_cell.length_a   73.003
_cell.length_b   85.903
_cell.length_c   126.277
_cell.angle_alpha   90.00
_cell.angle_beta   90.00
_cell.angle_gamma   90.00
#
_symmetry.space_group_name_H-M   'P 21 21 21'
#
loop_
_entity.id
_entity.type
_entity.pdbx_description
1 polymer 'CAP248-2B Heavy Chain'
2 polymer 'CAP248-2B Light Chain'
3 non-polymer 'SULFATE ION'
4 water water
#
loop_
_entity_poly.entity_id
_entity_poly.type
_entity_poly.pdbx_seq_one_letter_code
_entity_poly.pdbx_strand_id
1 'polypeptide(L)'
;(PCA)VQLQQSGPGLVKPSQTLSLTCNVYGVAISNEDYYWTWIRQHPGKGLEWIGDIYYNSGTTHYNPSLKSRASVSVDL
SRNQFTLKVTSVTTADAAVYYCAREASTKITDDGGAFDFWGRGTMVTVSSASTKGPSVFPLAPSSKSTSGGTAALGCLVK
DYFPEPVTVSWNSGALTSGVHTFPAVLQSSGLYSLSSVVTVPSSSLGTQTYICNVNHKPSNTKVDKKVEPKSCDKGLEVL
FQ
;
P,H
2 'polypeptide(L)'
;(PCA)SALTQPASVSGSPGQSISISCTGTSSDIGGYKYVSWYQQHPGRAPKLIIYDVIKRPSGISDRFSGSKSANTASLT
ISGLQAGDEASYYCSSYTTKKTSFFGPATRAYVFGSGTQVTVLGQPKANPTVTLFPPSSEELQANKATLVCLISDFYPGA
VTVAWKADSSPVKAGVETTTPSKQSNNKYAASSYLSLTPEQWKSHKSYSCQVTHEGSTVEKTVAPTECS
;
Q,L
#
# COMPACT_ATOMS: atom_id res chain seq x y z
N VAL A 2 -20.03 24.92 -10.25
CA VAL A 2 -18.86 24.29 -10.83
C VAL A 2 -19.05 22.78 -10.76
N GLN A 3 -18.59 22.07 -11.79
CA GLN A 3 -18.57 20.60 -11.71
C GLN A 3 -17.32 20.09 -12.41
N LEU A 4 -16.68 19.10 -11.78
CA LEU A 4 -15.50 18.43 -12.29
C LEU A 4 -15.89 17.01 -12.68
N GLN A 5 -15.62 16.63 -13.93
CA GLN A 5 -16.02 15.33 -14.47
C GLN A 5 -14.78 14.55 -14.85
N GLN A 6 -14.55 13.43 -14.16
CA GLN A 6 -13.32 12.65 -14.32
C GLN A 6 -13.53 11.51 -15.30
N SER A 7 -12.44 11.14 -15.97
CA SER A 7 -12.44 9.99 -16.86
C SER A 7 -11.04 9.42 -16.91
N GLY A 8 -10.94 8.21 -17.46
CA GLY A 8 -9.68 7.52 -17.58
C GLY A 8 -9.80 6.06 -17.16
N PRO A 9 -8.83 5.24 -17.54
CA PRO A 9 -8.98 3.80 -17.32
C PRO A 9 -8.95 3.43 -15.84
N GLY A 10 -9.75 2.41 -15.49
CA GLY A 10 -9.76 1.84 -14.17
C GLY A 10 -8.77 0.71 -13.97
N LEU A 11 -8.08 0.32 -15.04
CA LEU A 11 -7.10 -0.75 -14.98
C LEU A 11 -5.86 -0.32 -15.77
N VAL A 12 -4.69 -0.40 -15.13
CA VAL A 12 -3.42 -0.10 -15.76
C VAL A 12 -2.49 -1.29 -15.52
N LYS A 13 -1.72 -1.67 -16.54
CA LYS A 13 -0.73 -2.72 -16.34
C LYS A 13 0.50 -2.14 -15.64
N PRO A 14 1.22 -2.97 -14.87
CA PRO A 14 2.43 -2.48 -14.22
C PRO A 14 3.43 -1.97 -15.23
N SER A 15 4.13 -0.89 -14.87
CA SER A 15 5.17 -0.24 -15.67
C SER A 15 4.56 0.62 -16.79
N GLN A 16 3.25 0.60 -17.01
CA GLN A 16 2.67 1.43 -18.04
C GLN A 16 2.26 2.76 -17.42
N THR A 17 1.64 3.64 -18.20
CA THR A 17 1.34 4.99 -17.77
C THR A 17 -0.14 5.16 -17.48
N LEU A 18 -0.43 5.64 -16.29
CA LEU A 18 -1.78 6.02 -15.90
C LEU A 18 -2.07 7.42 -16.43
N SER A 19 -3.19 7.57 -17.13
CA SER A 19 -3.62 8.86 -17.66
CA SER A 19 -3.62 8.86 -17.66
C SER A 19 -5.04 9.13 -17.21
N LEU A 20 -5.23 10.18 -16.41
CA LEU A 20 -6.53 10.55 -15.89
C LEU A 20 -6.87 11.96 -16.31
N THR A 21 -8.13 12.18 -16.66
CA THR A 21 -8.57 13.44 -17.22
C THR A 21 -9.68 14.03 -16.36
N CYS A 22 -9.64 15.35 -16.22
CA CYS A 22 -10.63 16.09 -15.44
C CYS A 22 -11.16 17.22 -16.31
N ASN A 23 -12.42 17.10 -16.73
CA ASN A 23 -13.09 18.14 -17.49
C ASN A 23 -13.73 19.11 -16.51
N VAL A 24 -13.35 20.38 -16.60
CA VAL A 24 -13.81 21.42 -15.68
C VAL A 24 -14.95 22.18 -16.34
N TYR A 25 -16.03 22.41 -15.59
CA TYR A 25 -17.15 23.22 -16.05
C TYR A 25 -17.50 24.26 -15.00
N GLY A 26 -17.58 25.51 -15.43
CA GLY A 26 -17.99 26.61 -14.55
C GLY A 26 -16.91 27.62 -14.27
N VAL A 27 -15.67 27.32 -14.66
CA VAL A 27 -14.55 28.23 -14.47
C VAL A 27 -13.45 27.79 -15.42
N ALA A 28 -12.74 28.78 -15.98
CA ALA A 28 -11.64 28.48 -16.87
C ALA A 28 -10.42 28.05 -16.07
N ILE A 29 -9.73 27.02 -16.56
CA ILE A 29 -8.53 26.53 -15.89
C ILE A 29 -7.45 27.61 -15.83
N SER A 30 -7.49 28.56 -16.75
CA SER A 30 -6.54 29.67 -16.76
C SER A 30 -6.86 30.73 -15.72
N ASN A 31 -8.00 30.62 -15.05
CA ASN A 31 -8.43 31.62 -14.08
C ASN A 31 -7.45 31.64 -12.91
N GLU A 32 -6.84 32.80 -12.65
CA GLU A 32 -5.71 32.85 -11.73
C GLU A 32 -6.12 32.84 -10.26
N ASP A 33 -7.41 32.76 -9.98
CA ASP A 33 -7.87 32.56 -8.60
C ASP A 33 -7.84 31.11 -8.15
N TYR A 34 -7.53 30.16 -9.04
CA TYR A 34 -7.67 28.75 -8.69
C TYR A 34 -6.46 27.94 -9.13
N TYR A 35 -6.17 26.93 -8.31
CA TYR A 35 -5.18 25.90 -8.59
C TYR A 35 -5.91 24.59 -8.84
N TRP A 36 -5.31 23.72 -9.62
CA TRP A 36 -5.97 22.49 -10.05
C TRP A 36 -5.16 21.31 -9.55
N THR A 37 -5.81 20.46 -8.76
CA THR A 37 -5.12 19.54 -7.88
C THR A 37 -5.51 18.11 -8.20
N TRP A 38 -4.57 17.19 -7.98
CA TRP A 38 -4.86 15.77 -7.93
C TRP A 38 -4.55 15.26 -6.53
N ILE A 39 -5.46 14.46 -6.00
CA ILE A 39 -5.35 13.86 -4.67
C ILE A 39 -5.61 12.38 -4.83
N ARG A 40 -4.93 11.55 -4.05
CA ARG A 40 -5.22 10.12 -4.12
C ARG A 40 -5.41 9.55 -2.73
N GLN A 41 -6.08 8.40 -2.71
CA GLN A 41 -6.48 7.74 -1.48
C GLN A 41 -6.31 6.24 -1.69
N HIS A 42 -5.38 5.63 -0.96
CA HIS A 42 -5.24 4.19 -1.02
C HIS A 42 -6.41 3.54 -0.28
N PRO A 43 -6.73 2.29 -0.61
CA PRO A 43 -7.87 1.64 0.05
C PRO A 43 -7.78 1.72 1.56
N GLY A 44 -8.77 2.36 2.19
CA GLY A 44 -8.85 2.45 3.63
C GLY A 44 -7.94 3.47 4.27
N LYS A 45 -7.17 4.24 3.50
CA LYS A 45 -6.23 5.20 4.05
C LYS A 45 -6.76 6.63 3.84
N GLY A 46 -5.93 7.60 4.21
CA GLY A 46 -6.32 8.98 4.16
C GLY A 46 -6.06 9.62 2.81
N LEU A 47 -6.39 10.90 2.72
CA LEU A 47 -6.20 11.67 1.50
C LEU A 47 -4.74 12.09 1.40
N GLU A 48 -4.18 11.97 0.19
CA GLU A 48 -2.80 12.34 -0.09
C GLU A 48 -2.80 13.36 -1.23
N TRP A 49 -2.34 14.56 -0.93
CA TRP A 49 -2.17 15.58 -1.95
C TRP A 49 -1.03 15.19 -2.88
N ILE A 50 -1.33 15.02 -4.16
CA ILE A 50 -0.29 14.66 -5.13
C ILE A 50 0.45 15.90 -5.59
N GLY A 51 -0.30 16.90 -6.05
CA GLY A 51 0.28 18.12 -6.56
C GLY A 51 -0.79 18.93 -7.27
N ASP A 52 -0.39 20.13 -7.68
CA ASP A 52 -1.31 21.01 -8.36
C ASP A 52 -0.60 21.71 -9.50
N ILE A 53 -1.40 22.32 -10.37
CA ILE A 53 -0.91 23.20 -11.42
C ILE A 53 -1.62 24.54 -11.27
N TYR A 54 -0.91 25.58 -11.69
CA TYR A 54 -1.37 26.96 -11.68
C TYR A 54 -0.99 27.54 -13.03
N TYR A 55 -1.94 28.18 -13.72
CA TYR A 55 -1.77 28.38 -15.16
C TYR A 55 -0.49 29.15 -15.49
N ASN A 56 -0.07 30.09 -14.63
CA ASN A 56 1.18 30.81 -14.86
C ASN A 56 2.33 30.29 -13.99
N SER A 57 2.32 28.99 -13.68
CA SER A 57 3.41 28.38 -12.91
C SER A 57 3.95 27.19 -13.70
N GLY A 58 5.23 27.24 -14.04
CA GLY A 58 5.92 26.12 -14.65
C GLY A 58 6.66 25.25 -13.67
N THR A 59 6.59 25.57 -12.37
CA THR A 59 7.32 24.83 -11.36
C THR A 59 6.59 23.55 -10.99
N THR A 60 7.36 22.53 -10.64
CA THR A 60 6.82 21.25 -10.22
C THR A 60 6.42 21.33 -8.75
N HIS A 61 5.13 21.20 -8.46
CA HIS A 61 4.61 21.18 -7.10
C HIS A 61 4.03 19.80 -6.85
N TYR A 62 4.87 18.88 -6.39
CA TYR A 62 4.44 17.51 -6.19
C TYR A 62 4.85 17.00 -4.82
N ASN A 63 4.01 16.15 -4.26
CA ASN A 63 4.36 15.39 -3.08
C ASN A 63 5.65 14.62 -3.34
N PRO A 64 6.73 14.89 -2.61
CA PRO A 64 8.00 14.20 -2.93
C PRO A 64 7.94 12.70 -2.78
N SER A 65 6.96 12.16 -2.05
CA SER A 65 6.79 10.72 -1.98
C SER A 65 6.44 10.14 -3.34
N LEU A 66 5.92 10.97 -4.24
CA LEU A 66 5.68 10.54 -5.61
C LEU A 66 6.97 10.33 -6.38
N LYS A 67 8.08 10.88 -5.88
CA LYS A 67 9.39 10.66 -6.46
C LYS A 67 9.44 11.06 -7.93
N SER A 68 8.76 12.17 -8.24
CA SER A 68 8.87 12.84 -9.53
C SER A 68 8.28 12.05 -10.68
N ARG A 69 7.32 11.16 -10.42
CA ARG A 69 6.77 10.33 -11.48
C ARG A 69 5.50 10.88 -12.10
N ALA A 70 4.91 11.94 -11.53
CA ALA A 70 3.64 12.46 -11.98
C ALA A 70 3.81 13.83 -12.59
N SER A 71 3.17 14.04 -13.73
CA SER A 71 3.14 15.34 -14.38
C SER A 71 1.71 15.62 -14.83
N VAL A 72 1.51 16.82 -15.35
CA VAL A 72 0.18 17.27 -15.74
C VAL A 72 0.24 17.93 -17.11
N SER A 73 -0.88 17.87 -17.81
CA SER A 73 -1.05 18.60 -19.06
C SER A 73 -2.42 19.29 -19.01
N VAL A 74 -2.59 20.28 -19.87
CA VAL A 74 -3.84 21.03 -19.93
C VAL A 74 -4.25 21.16 -21.39
N ASP A 75 -5.53 20.95 -21.66
CA ASP A 75 -6.14 21.22 -22.95
C ASP A 75 -7.11 22.36 -22.69
N LEU A 76 -6.66 23.58 -23.00
CA LEU A 76 -7.45 24.76 -22.69
C LEU A 76 -8.74 24.83 -23.50
N SER A 77 -8.66 24.51 -24.79
CA SER A 77 -9.86 24.58 -25.63
C SER A 77 -10.93 23.61 -25.15
N ARG A 78 -10.53 22.55 -24.46
CA ARG A 78 -11.44 21.60 -23.82
C ARG A 78 -11.66 21.92 -22.34
N ASN A 79 -10.98 22.92 -21.81
CA ASN A 79 -10.99 23.23 -20.38
C ASN A 79 -10.84 21.95 -19.57
N GLN A 80 -9.69 21.32 -19.75
CA GLN A 80 -9.45 19.97 -19.27
C GLN A 80 -8.02 19.90 -18.75
N PHE A 81 -7.80 19.11 -17.70
CA PHE A 81 -6.42 18.86 -17.27
C PHE A 81 -6.24 17.38 -16.94
N THR A 82 -5.02 16.89 -17.18
CA THR A 82 -4.73 15.47 -17.20
C THR A 82 -3.51 15.18 -16.33
N LEU A 83 -3.65 14.20 -15.45
CA LEU A 83 -2.55 13.66 -14.68
C LEU A 83 -1.98 12.44 -15.39
N LYS A 84 -0.65 12.40 -15.54
CA LYS A 84 0.04 11.22 -16.04
C LYS A 84 1.01 10.72 -14.98
N VAL A 85 0.98 9.42 -14.72
CA VAL A 85 1.95 8.75 -13.86
C VAL A 85 2.64 7.69 -14.70
N THR A 86 3.96 7.80 -14.83
CA THR A 86 4.73 6.89 -15.66
C THR A 86 5.15 5.66 -14.86
N SER A 87 5.45 4.58 -15.60
CA SER A 87 5.94 3.34 -15.02
C SER A 87 5.26 3.03 -13.70
N VAL A 88 3.96 2.70 -13.74
CA VAL A 88 3.22 2.55 -12.49
C VAL A 88 3.56 1.23 -11.83
N THR A 89 3.44 1.21 -10.51
CA THR A 89 3.63 0.02 -9.71
C THR A 89 2.36 -0.24 -8.91
N THR A 90 2.32 -1.43 -8.30
CA THR A 90 1.17 -1.80 -7.48
C THR A 90 0.83 -0.72 -6.46
N ALA A 91 1.85 0.01 -5.98
CA ALA A 91 1.63 1.07 -5.00
C ALA A 91 0.91 2.28 -5.57
N ASP A 92 0.68 2.33 -6.88
CA ASP A 92 -0.08 3.42 -7.47
C ASP A 92 -1.58 3.12 -7.52
N ALA A 93 -1.98 1.93 -7.07
CA ALA A 93 -3.39 1.58 -7.00
C ALA A 93 -4.07 2.42 -5.92
N ALA A 94 -5.16 3.09 -6.30
CA ALA A 94 -5.77 4.05 -5.38
C ALA A 94 -6.98 4.66 -6.08
N VAL A 95 -7.77 5.42 -5.34
CA VAL A 95 -8.76 6.29 -5.95
C VAL A 95 -8.14 7.67 -6.13
N TYR A 96 -8.25 8.21 -7.33
CA TYR A 96 -7.71 9.52 -7.67
C TYR A 96 -8.85 10.51 -7.86
N TYR A 97 -8.79 11.62 -7.14
CA TYR A 97 -9.74 12.72 -7.24
C TYR A 97 -9.06 13.92 -7.88
N CYS A 98 -9.75 14.59 -8.79
CA CYS A 98 -9.32 15.93 -9.13
C CYS A 98 -10.13 16.92 -8.30
N ALA A 99 -9.53 18.07 -8.01
CA ALA A 99 -10.25 19.06 -7.21
C ALA A 99 -9.78 20.45 -7.56
N ARG A 100 -10.68 21.41 -7.33
CA ARG A 100 -10.36 22.82 -7.44
C ARG A 100 -9.93 23.36 -6.09
N GLU A 101 -8.81 24.06 -6.07
CA GLU A 101 -8.24 24.64 -4.87
C GLU A 101 -8.29 26.15 -5.00
N ALA A 102 -9.13 26.80 -4.20
CA ALA A 102 -9.24 28.25 -4.27
C ALA A 102 -8.00 28.90 -3.67
N SER A 103 -7.45 29.89 -4.39
CA SER A 103 -6.30 30.63 -3.88
C SER A 103 -6.60 31.23 -2.52
N THR A 104 -5.56 31.39 -1.71
CA THR A 104 -5.72 32.10 -0.45
C THR A 104 -6.00 33.58 -0.66
N LYS A 105 -5.76 34.09 -1.86
CA LYS A 105 -5.94 35.51 -2.15
C LYS A 105 -7.38 35.87 -2.50
N ILE A 106 -8.33 34.94 -2.35
CA ILE A 106 -9.73 35.23 -2.59
C ILE A 106 -10.52 34.81 -1.36
N THR A 107 -11.64 35.49 -1.14
CA THR A 107 -12.44 35.23 0.06
C THR A 107 -13.26 33.95 -0.06
N ASP A 108 -14.03 33.82 -1.15
CA ASP A 108 -14.97 32.69 -1.27
C ASP A 108 -14.19 31.38 -1.35
N ASP A 109 -14.35 30.53 -0.35
CA ASP A 109 -13.69 29.23 -0.28
C ASP A 109 -12.18 29.34 -0.28
N GLY A 110 -11.65 30.52 0.04
CA GLY A 110 -10.22 30.75 -0.02
C GLY A 110 -9.39 29.71 0.71
N GLY A 111 -8.40 29.16 0.01
CA GLY A 111 -7.47 28.21 0.58
C GLY A 111 -7.98 26.80 0.72
N ALA A 112 -9.12 26.47 0.13
CA ALA A 112 -9.75 25.17 0.34
C ALA A 112 -10.01 24.48 -1.00
N PHE A 113 -10.20 23.17 -0.94
CA PHE A 113 -10.59 22.35 -2.08
C PHE A 113 -12.12 22.32 -2.14
N ASP A 114 -12.71 23.25 -2.88
CA ASP A 114 -14.15 23.46 -2.75
C ASP A 114 -14.99 22.71 -3.76
N PHE A 115 -14.42 22.17 -4.83
CA PHE A 115 -15.14 21.26 -5.72
C PHE A 115 -14.26 20.07 -6.04
N TRP A 116 -14.89 18.89 -6.06
CA TRP A 116 -14.18 17.63 -6.24
C TRP A 116 -14.80 16.83 -7.38
N GLY A 117 -13.96 16.16 -8.15
CA GLY A 117 -14.44 15.12 -9.02
C GLY A 117 -15.01 13.96 -8.21
N ARG A 118 -15.66 13.05 -8.93
CA ARG A 118 -16.26 11.90 -8.27
C ARG A 118 -15.25 10.79 -7.97
N GLY A 119 -14.03 10.91 -8.48
CA GLY A 119 -13.01 9.92 -8.22
C GLY A 119 -12.96 8.84 -9.29
N THR A 120 -11.75 8.33 -9.53
CA THR A 120 -11.52 7.20 -10.42
C THR A 120 -10.67 6.19 -9.67
N MET A 121 -11.20 4.98 -9.51
N MET A 121 -11.19 4.97 -9.53
CA MET A 121 -10.43 3.92 -8.86
CA MET A 121 -10.47 3.89 -8.89
C MET A 121 -9.52 3.26 -9.89
C MET A 121 -9.53 3.24 -9.89
N VAL A 122 -8.23 3.21 -9.57
CA VAL A 122 -7.22 2.66 -10.44
C VAL A 122 -6.65 1.41 -9.78
N THR A 123 -6.76 0.29 -10.47
CA THR A 123 -6.14 -0.96 -10.12
C THR A 123 -4.96 -1.20 -11.05
N VAL A 124 -3.83 -1.61 -10.48
CA VAL A 124 -2.64 -1.92 -11.27
C VAL A 124 -2.48 -3.43 -11.29
N SER A 125 -2.66 -4.03 -12.47
CA SER A 125 -2.64 -5.47 -12.57
C SER A 125 -2.41 -5.88 -14.02
N SER A 126 -1.79 -7.05 -14.19
CA SER A 126 -1.64 -7.64 -15.50
C SER A 126 -2.87 -8.42 -15.93
N ALA A 127 -3.78 -8.73 -15.02
CA ALA A 127 -4.98 -9.47 -15.39
C ALA A 127 -5.87 -8.62 -16.29
N SER A 128 -6.67 -9.30 -17.11
CA SER A 128 -7.52 -8.62 -18.07
C SER A 128 -8.87 -8.27 -17.45
N THR A 129 -9.49 -7.20 -17.95
CA THR A 129 -10.81 -6.83 -17.47
C THR A 129 -11.79 -7.94 -17.78
N LYS A 130 -12.76 -8.13 -16.90
CA LYS A 130 -13.88 -9.03 -17.15
C LYS A 130 -15.15 -8.35 -16.69
N GLY A 131 -16.12 -8.22 -17.61
CA GLY A 131 -17.40 -7.69 -17.26
C GLY A 131 -18.15 -8.66 -16.38
N PRO A 132 -19.14 -8.17 -15.63
CA PRO A 132 -19.85 -9.04 -14.69
C PRO A 132 -20.97 -9.84 -15.35
N SER A 133 -21.35 -10.91 -14.65
CA SER A 133 -22.61 -11.59 -14.86
C SER A 133 -23.52 -11.26 -13.68
N VAL A 134 -24.63 -10.59 -13.96
CA VAL A 134 -25.54 -10.12 -12.92
C VAL A 134 -26.67 -11.12 -12.78
N PHE A 135 -27.02 -11.45 -11.54
CA PHE A 135 -28.02 -12.48 -11.29
C PHE A 135 -29.20 -11.90 -10.53
N PRO A 136 -30.40 -11.83 -11.12
CA PRO A 136 -31.56 -11.39 -10.35
C PRO A 136 -31.83 -12.34 -9.19
N LEU A 137 -32.17 -11.76 -8.04
CA LEU A 137 -32.50 -12.54 -6.85
C LEU A 137 -34.02 -12.51 -6.68
N ALA A 138 -34.68 -13.50 -7.26
CA ALA A 138 -36.13 -13.63 -7.18
C ALA A 138 -36.58 -13.73 -5.74
N PRO A 139 -37.88 -13.49 -5.47
CA PRO A 139 -38.91 -13.05 -6.41
C PRO A 139 -38.92 -11.54 -6.64
N CYS A 153 -29.71 -7.78 -5.16
CA CYS A 153 -29.16 -8.32 -6.38
C CYS A 153 -27.64 -8.46 -6.30
N LEU A 154 -27.10 -9.49 -6.95
CA LEU A 154 -25.68 -9.81 -6.85
C LEU A 154 -25.02 -9.82 -8.22
N VAL A 155 -23.81 -9.27 -8.25
CA VAL A 155 -23.02 -9.10 -9.46
C VAL A 155 -21.78 -9.96 -9.28
N LYS A 156 -21.55 -10.89 -10.22
CA LYS A 156 -20.59 -11.96 -10.02
C LYS A 156 -19.53 -11.99 -11.11
N ASP A 157 -18.29 -12.25 -10.69
CA ASP A 157 -17.18 -12.60 -11.58
C ASP A 157 -16.76 -11.41 -12.45
N TYR A 158 -16.45 -10.28 -11.82
CA TYR A 158 -15.93 -9.12 -12.53
C TYR A 158 -14.55 -8.74 -12.03
N PHE A 159 -13.84 -8.00 -12.87
CA PHE A 159 -12.52 -7.48 -12.54
C PHE A 159 -12.21 -6.30 -13.47
N PRO A 160 -11.62 -5.22 -12.93
CA PRO A 160 -11.33 -4.92 -11.53
C PRO A 160 -12.53 -4.31 -10.84
N GLU A 161 -12.37 -3.90 -9.59
CA GLU A 161 -13.36 -3.03 -8.96
C GLU A 161 -13.33 -1.67 -9.68
N PRO A 162 -14.38 -0.86 -9.51
CA PRO A 162 -15.61 -1.14 -8.77
C PRO A 162 -16.79 -1.36 -9.70
N VAL A 163 -17.91 -1.78 -9.13
CA VAL A 163 -19.19 -1.76 -9.82
C VAL A 163 -20.12 -0.86 -9.03
N THR A 164 -20.98 -0.15 -9.74
CA THR A 164 -22.06 0.60 -9.13
C THR A 164 -23.39 -0.03 -9.54
N VAL A 165 -24.35 0.00 -8.63
CA VAL A 165 -25.65 -0.62 -8.86
C VAL A 165 -26.74 0.39 -8.56
N SER A 166 -27.74 0.44 -9.43
CA SER A 166 -28.93 1.23 -9.20
C SER A 166 -30.13 0.40 -9.64
N TRP A 167 -31.31 1.01 -9.56
CA TRP A 167 -32.55 0.31 -9.87
C TRP A 167 -33.50 1.27 -10.58
N ASN A 168 -34.12 0.79 -11.66
CA ASN A 168 -35.01 1.61 -12.47
C ASN A 168 -34.39 2.97 -12.74
N SER A 169 -33.08 3.00 -12.97
CA SER A 169 -32.35 4.23 -13.29
C SER A 169 -32.51 5.27 -12.18
N GLY A 170 -32.18 4.86 -10.96
CA GLY A 170 -32.21 5.76 -9.82
C GLY A 170 -33.58 6.03 -9.24
N ALA A 171 -34.65 5.68 -9.94
CA ALA A 171 -36.00 5.95 -9.46
C ALA A 171 -36.42 5.03 -8.31
N LEU A 172 -35.55 4.11 -7.88
CA LEU A 172 -35.80 3.29 -6.70
C LEU A 172 -34.66 3.52 -5.73
N THR A 173 -34.99 3.94 -4.49
CA THR A 173 -34.01 4.28 -3.46
C THR A 173 -34.53 3.74 -2.12
N SER A 174 -34.37 2.43 -1.93
CA SER A 174 -34.74 1.79 -0.66
C SER A 174 -34.07 0.41 -0.60
N GLY A 175 -33.30 0.11 0.45
CA GLY A 175 -33.13 0.95 1.62
C GLY A 175 -32.33 2.24 1.44
N VAL A 176 -31.12 2.19 0.89
CA VAL A 176 -30.49 0.98 0.35
C VAL A 176 -29.03 0.94 0.77
N HIS A 177 -28.50 -0.28 0.90
CA HIS A 177 -27.09 -0.50 1.21
C HIS A 177 -26.48 -1.45 0.20
N THR A 178 -25.27 -1.14 -0.24
CA THR A 178 -24.48 -2.02 -1.08
C THR A 178 -23.29 -2.49 -0.26
N PHE A 179 -23.09 -3.80 -0.20
CA PHE A 179 -22.14 -4.39 0.72
C PHE A 179 -20.80 -4.59 0.05
N PRO A 180 -19.72 -4.73 0.84
CA PRO A 180 -18.39 -4.87 0.25
C PRO A 180 -18.34 -6.03 -0.74
N ALA A 181 -17.42 -5.93 -1.70
CA ALA A 181 -17.17 -7.02 -2.61
C ALA A 181 -16.33 -8.09 -1.93
N VAL A 182 -16.41 -9.30 -2.45
CA VAL A 182 -15.55 -10.39 -2.03
C VAL A 182 -14.70 -10.80 -3.22
N LEU A 183 -13.47 -11.22 -2.94
CA LEU A 183 -12.51 -11.58 -3.96
C LEU A 183 -12.34 -13.09 -3.94
N GLN A 184 -12.54 -13.72 -5.09
CA GLN A 184 -12.43 -15.16 -5.22
C GLN A 184 -10.99 -15.56 -5.54
N SER A 185 -10.69 -16.85 -5.32
CA SER A 185 -9.35 -17.36 -5.57
C SER A 185 -8.92 -17.20 -7.02
N SER A 186 -9.87 -17.07 -7.93
CA SER A 186 -9.60 -16.78 -9.33
C SER A 186 -9.17 -15.33 -9.56
N GLY A 187 -9.25 -14.47 -8.55
CA GLY A 187 -8.96 -13.07 -8.71
C GLY A 187 -10.12 -12.20 -9.17
N LEU A 188 -11.31 -12.78 -9.33
CA LEU A 188 -12.49 -12.03 -9.73
C LEU A 188 -13.33 -11.67 -8.49
N TYR A 189 -14.09 -10.59 -8.62
CA TYR A 189 -14.89 -10.06 -7.52
C TYR A 189 -16.37 -10.41 -7.67
N SER A 190 -17.09 -10.34 -6.55
CA SER A 190 -18.54 -10.45 -6.52
C SER A 190 -19.06 -9.57 -5.40
N LEU A 191 -20.27 -9.05 -5.55
CA LEU A 191 -20.90 -8.27 -4.47
C LEU A 191 -22.41 -8.31 -4.64
N SER A 192 -23.10 -7.61 -3.74
CA SER A 192 -24.56 -7.54 -3.74
C SER A 192 -25.03 -6.25 -3.10
N SER A 193 -26.21 -5.79 -3.50
CA SER A 193 -26.88 -4.66 -2.88
C SER A 193 -28.33 -5.02 -2.60
N VAL A 194 -28.80 -4.74 -1.39
CA VAL A 194 -30.08 -5.24 -0.91
C VAL A 194 -31.13 -4.14 -0.95
N VAL A 195 -32.34 -4.50 -1.36
CA VAL A 195 -33.47 -3.57 -1.42
C VAL A 195 -34.76 -4.33 -1.12
N THR A 196 -35.79 -3.60 -0.71
CA THR A 196 -37.11 -4.17 -0.43
C THR A 196 -38.19 -3.28 -1.02
N VAL A 197 -39.28 -3.90 -1.46
CA VAL A 197 -40.35 -3.18 -2.13
C VAL A 197 -41.69 -3.79 -1.73
N PRO A 198 -42.79 -3.09 -2.01
CA PRO A 198 -44.11 -3.63 -1.65
C PRO A 198 -44.37 -4.96 -2.33
N SER A 199 -44.88 -5.93 -1.55
CA SER A 199 -45.08 -7.27 -2.07
C SER A 199 -46.26 -7.33 -3.04
N SER A 200 -47.22 -6.42 -2.93
CA SER A 200 -48.35 -6.43 -3.83
C SER A 200 -47.97 -5.94 -5.23
N SER A 201 -47.09 -4.95 -5.30
CA SER A 201 -46.67 -4.38 -6.59
C SER A 201 -45.38 -5.06 -7.04
N LEU A 202 -45.50 -6.34 -7.36
CA LEU A 202 -44.38 -7.15 -7.82
C LEU A 202 -44.61 -7.69 -9.23
N GLY A 203 -45.64 -8.50 -9.43
CA GLY A 203 -45.87 -9.12 -10.73
C GLY A 203 -46.25 -8.15 -11.83
N THR A 204 -46.59 -6.91 -11.50
CA THR A 204 -47.06 -5.93 -12.48
C THR A 204 -46.02 -4.86 -12.79
N GLN A 205 -45.42 -4.25 -11.77
CA GLN A 205 -44.36 -3.28 -12.00
C GLN A 205 -43.05 -3.99 -12.32
N THR A 206 -42.28 -3.39 -13.22
CA THR A 206 -41.01 -3.97 -13.64
C THR A 206 -39.89 -3.45 -12.75
N TYR A 207 -39.01 -4.36 -12.34
CA TYR A 207 -37.82 -4.02 -11.57
C TYR A 207 -36.60 -4.38 -12.40
N ILE A 208 -35.85 -3.36 -12.83
CA ILE A 208 -34.64 -3.52 -13.60
C ILE A 208 -33.47 -3.05 -12.74
N CYS A 209 -32.46 -3.89 -12.59
CA CYS A 209 -31.22 -3.48 -11.94
C CYS A 209 -30.25 -2.98 -13.00
N ASN A 210 -29.65 -1.82 -12.73
CA ASN A 210 -28.69 -1.20 -13.64
C ASN A 210 -27.31 -1.32 -13.01
N VAL A 211 -26.48 -2.18 -13.58
CA VAL A 211 -25.13 -2.43 -13.08
C VAL A 211 -24.15 -1.79 -14.03
N ASN A 212 -23.29 -0.92 -13.50
CA ASN A 212 -22.28 -0.22 -14.26
C ASN A 212 -20.91 -0.66 -13.78
N HIS A 213 -20.17 -1.30 -14.68
CA HIS A 213 -18.78 -1.70 -14.47
C HIS A 213 -17.96 -0.86 -15.44
N LYS A 214 -17.62 0.36 -15.01
CA LYS A 214 -16.89 1.28 -15.88
C LYS A 214 -15.56 0.71 -16.35
N PRO A 215 -14.81 -0.04 -15.54
CA PRO A 215 -13.51 -0.55 -16.04
C PRO A 215 -13.62 -1.33 -17.34
N SER A 216 -14.64 -2.18 -17.48
CA SER A 216 -14.89 -2.86 -18.73
C SER A 216 -15.82 -2.06 -19.63
N ASN A 217 -16.14 -0.82 -19.24
CA ASN A 217 -17.12 0.00 -19.96
C ASN A 217 -18.37 -0.81 -20.25
N THR A 218 -18.77 -1.63 -19.29
CA THR A 218 -19.92 -2.51 -19.43
C THR A 218 -21.07 -1.96 -18.59
N LYS A 219 -22.23 -1.79 -19.22
CA LYS A 219 -23.47 -1.48 -18.53
C LYS A 219 -24.44 -2.61 -18.84
N VAL A 220 -25.09 -3.15 -17.81
CA VAL A 220 -26.06 -4.23 -18.02
C VAL A 220 -27.29 -3.93 -17.19
N ASP A 221 -28.45 -3.91 -17.86
CA ASP A 221 -29.75 -3.74 -17.23
C ASP A 221 -30.46 -5.08 -17.25
N LYS A 222 -30.76 -5.62 -16.08
CA LYS A 222 -31.36 -6.94 -15.95
C LYS A 222 -32.75 -6.79 -15.35
N LYS A 223 -33.76 -7.22 -16.09
CA LYS A 223 -35.13 -7.24 -15.57
C LYS A 223 -35.27 -8.35 -14.53
N VAL A 224 -35.99 -8.05 -13.46
CA VAL A 224 -36.19 -8.99 -12.36
C VAL A 224 -37.67 -9.33 -12.25
N SER B 2 6.07 17.55 7.43
CA SER B 2 5.34 17.66 8.69
C SER B 2 3.83 17.64 8.44
N ALA B 3 3.15 16.63 8.99
CA ALA B 3 1.76 16.36 8.67
C ALA B 3 0.85 16.83 9.80
N LEU B 4 -0.45 16.51 9.67
CA LEU B 4 -1.47 16.95 10.61
C LEU B 4 -2.05 15.73 11.33
N THR B 5 -2.05 15.78 12.65
CA THR B 5 -2.42 14.62 13.47
C THR B 5 -3.86 14.74 13.92
N GLN B 6 -4.67 13.73 13.59
CA GLN B 6 -6.04 13.60 14.06
C GLN B 6 -6.20 12.30 14.82
N PRO B 7 -7.12 12.25 15.79
CA PRO B 7 -7.47 10.96 16.39
C PRO B 7 -8.06 10.02 15.36
N ALA B 8 -7.72 8.74 15.47
CA ALA B 8 -8.20 7.77 14.51
C ALA B 8 -9.72 7.67 14.53
N SER B 9 -10.33 7.74 15.72
CA SER B 9 -11.76 7.51 15.85
C SER B 9 -12.35 8.38 16.95
N VAL B 10 -13.61 8.76 16.76
CA VAL B 10 -14.41 9.43 17.78
C VAL B 10 -15.84 8.92 17.64
N SER B 11 -16.54 8.83 18.78
CA SER B 11 -17.91 8.33 18.78
C SER B 11 -18.78 9.20 19.68
N GLY B 12 -20.07 9.22 19.37
CA GLY B 12 -21.06 9.88 20.20
C GLY B 12 -22.43 9.31 19.89
N SER B 13 -23.38 9.62 20.77
CA SER B 13 -24.74 9.17 20.57
C SER B 13 -25.57 10.25 19.89
N PRO B 14 -26.70 9.89 19.30
CA PRO B 14 -27.50 10.89 18.57
C PRO B 14 -27.88 12.07 19.45
N GLY B 15 -27.76 13.26 18.89
CA GLY B 15 -28.12 14.48 19.58
C GLY B 15 -26.99 15.13 20.34
N GLN B 16 -25.90 14.41 20.60
CA GLN B 16 -24.76 14.98 21.30
C GLN B 16 -23.94 15.86 20.36
N SER B 17 -23.02 16.61 20.96
CA SER B 17 -21.99 17.31 20.22
C SER B 17 -20.66 16.57 20.38
N ILE B 18 -19.85 16.55 19.32
CA ILE B 18 -18.52 15.97 19.39
C ILE B 18 -17.53 16.93 18.74
N SER B 19 -16.25 16.73 19.07
CA SER B 19 -15.17 17.55 18.54
C SER B 19 -14.06 16.64 18.02
N ILE B 20 -13.44 17.09 16.93
CA ILE B 20 -12.34 16.39 16.26
C ILE B 20 -11.17 17.36 16.20
N SER B 21 -10.03 16.95 16.75
CA SER B 21 -8.85 17.78 16.77
C SER B 21 -7.95 17.49 15.57
N CYS B 22 -7.11 18.48 15.26
CA CYS B 22 -6.22 18.43 14.11
C CYS B 22 -4.99 19.25 14.48
N THR B 23 -3.93 18.56 14.87
CA THR B 23 -2.76 19.22 15.44
C THR B 23 -1.65 19.27 14.40
N GLY B 24 -1.16 20.47 14.11
CA GLY B 24 -0.02 20.66 13.23
C GLY B 24 1.11 21.38 13.92
N THR B 25 1.74 22.31 13.22
CA THR B 25 2.84 23.11 13.73
C THR B 25 2.50 24.59 13.57
N SER B 26 3.47 25.45 13.85
CA SER B 26 3.32 26.87 13.55
C SER B 26 3.46 27.19 12.07
N SER B 27 3.94 26.23 11.26
CA SER B 27 4.12 26.42 9.84
C SER B 27 2.94 25.90 9.02
N ASP B 28 1.86 25.48 9.68
CA ASP B 28 0.63 25.13 8.98
C ASP B 28 -0.57 25.69 9.74
N ILE B 29 -1.16 24.89 10.63
CA ILE B 29 -2.31 25.35 11.41
C ILE B 29 -2.02 26.70 12.05
N GLY B 30 -0.91 26.79 12.79
CA GLY B 30 -0.61 28.00 13.53
C GLY B 30 -0.09 29.15 12.69
N GLY B 31 0.34 28.87 11.46
CA GLY B 31 0.90 29.91 10.63
C GLY B 31 -0.13 30.65 9.79
N TYR B 32 -1.25 29.99 9.50
CA TYR B 32 -2.21 30.51 8.53
C TYR B 32 -3.63 30.21 9.00
N LYS B 33 -4.55 31.08 8.57
CA LYS B 33 -5.97 30.89 8.81
C LYS B 33 -6.63 30.04 7.74
N TYR B 34 -5.85 29.34 6.92
CA TYR B 34 -6.41 28.60 5.79
C TYR B 34 -6.47 27.10 6.11
N VAL B 35 -7.15 26.82 7.21
CA VAL B 35 -7.47 25.45 7.61
C VAL B 35 -8.85 25.11 7.10
N SER B 36 -9.00 23.91 6.55
CA SER B 36 -10.29 23.48 6.06
C SER B 36 -10.58 22.07 6.53
N TRP B 37 -11.85 21.68 6.40
CA TRP B 37 -12.35 20.39 6.82
C TRP B 37 -13.25 19.80 5.75
N TYR B 38 -13.15 18.47 5.64
CA TYR B 38 -13.80 17.66 4.61
C TYR B 38 -14.48 16.45 5.24
N GLN B 39 -15.68 16.14 4.72
CA GLN B 39 -16.43 14.96 5.09
C GLN B 39 -16.38 13.97 3.94
N GLN B 40 -16.15 12.70 4.24
CA GLN B 40 -16.15 11.66 3.23
C GLN B 40 -16.91 10.45 3.74
N HIS B 41 -17.99 10.12 3.05
CA HIS B 41 -18.69 8.87 3.27
C HIS B 41 -18.03 7.75 2.47
N PRO B 42 -18.20 6.50 2.89
CA PRO B 42 -17.51 5.40 2.21
C PRO B 42 -17.89 5.31 0.73
N GLY B 43 -16.89 5.12 -0.11
CA GLY B 43 -17.12 5.00 -1.53
C GLY B 43 -17.60 6.27 -2.19
N ARG B 44 -17.33 7.43 -1.61
CA ARG B 44 -17.79 8.69 -2.18
C ARG B 44 -16.70 9.73 -2.05
N ALA B 45 -16.82 10.79 -2.84
CA ALA B 45 -15.81 11.83 -2.86
C ALA B 45 -15.92 12.71 -1.61
N PRO B 46 -14.80 13.20 -1.11
CA PRO B 46 -14.86 14.17 -0.01
C PRO B 46 -15.66 15.40 -0.41
N LYS B 47 -16.06 16.14 0.61
CA LYS B 47 -16.94 17.29 0.51
C LYS B 47 -16.43 18.36 1.47
N LEU B 48 -16.25 19.58 0.97
CA LEU B 48 -15.80 20.66 1.84
C LEU B 48 -16.90 21.05 2.81
N ILE B 49 -16.57 21.13 4.10
CA ILE B 49 -17.56 21.49 5.11
C ILE B 49 -17.12 22.73 5.87
N ILE B 50 -15.81 22.96 5.99
CA ILE B 50 -15.34 24.17 6.66
C ILE B 50 -14.12 24.72 5.94
N TYR B 51 -14.02 26.05 5.84
CA TYR B 51 -12.81 26.66 5.32
C TYR B 51 -12.50 27.92 6.12
N ASP B 52 -11.30 28.44 5.92
CA ASP B 52 -10.80 29.62 6.63
C ASP B 52 -11.05 29.49 8.13
N VAL B 53 -10.86 28.27 8.64
CA VAL B 53 -10.94 27.93 10.06
C VAL B 53 -12.38 27.77 10.51
N ILE B 54 -13.22 28.78 10.24
CA ILE B 54 -14.52 28.90 10.87
C ILE B 54 -15.69 28.98 9.89
N LYS B 55 -15.43 29.08 8.59
CA LYS B 55 -16.48 29.43 7.63
C LYS B 55 -17.09 28.20 7.00
N ARG B 56 -18.41 28.22 6.83
CA ARG B 56 -19.14 27.15 6.15
C ARG B 56 -19.34 27.52 4.69
N PRO B 57 -19.02 26.65 3.73
CA PRO B 57 -19.37 26.94 2.34
C PRO B 57 -20.86 26.76 2.11
N SER B 58 -21.34 27.08 0.91
CA SER B 58 -22.77 27.01 0.65
C SER B 58 -23.27 25.58 0.75
N GLY B 59 -24.46 25.42 1.33
CA GLY B 59 -25.13 24.14 1.41
C GLY B 59 -24.86 23.36 2.68
N ILE B 60 -23.92 23.81 3.51
CA ILE B 60 -23.50 23.08 4.70
C ILE B 60 -24.27 23.62 5.90
N SER B 61 -24.85 22.74 6.70
CA SER B 61 -25.72 23.17 7.79
C SER B 61 -24.88 23.68 8.96
N ASP B 62 -25.51 24.55 9.76
CA ASP B 62 -24.83 25.16 10.90
C ASP B 62 -24.53 24.16 12.05
N ARG B 63 -24.79 22.86 11.88
CA ARG B 63 -24.34 21.92 12.91
C ARG B 63 -22.83 21.72 12.87
N PHE B 64 -22.20 22.03 11.75
CA PHE B 64 -20.74 21.95 11.64
C PHE B 64 -20.14 23.32 11.95
N SER B 65 -19.18 23.34 12.87
CA SER B 65 -18.49 24.57 13.20
C SER B 65 -17.00 24.29 13.32
N GLY B 66 -16.20 25.32 13.12
CA GLY B 66 -14.76 25.18 13.14
C GLY B 66 -14.13 26.21 14.05
N SER B 67 -13.00 25.84 14.64
CA SER B 67 -12.26 26.75 15.49
C SER B 67 -10.78 26.37 15.44
N LYS B 68 -9.95 27.21 16.03
CA LYS B 68 -8.58 26.81 16.28
C LYS B 68 -8.08 27.48 17.55
N SER B 69 -7.19 26.78 18.24
CA SER B 69 -6.48 27.29 19.40
C SER B 69 -5.02 26.96 19.21
N ALA B 70 -4.17 27.99 19.19
CA ALA B 70 -2.75 27.82 18.93
C ALA B 70 -2.53 26.96 17.68
N ASN B 71 -1.89 25.80 17.83
CA ASN B 71 -1.51 24.98 16.68
C ASN B 71 -2.49 23.85 16.41
N THR B 72 -3.67 23.85 17.03
CA THR B 72 -4.65 22.79 16.82
C THR B 72 -5.96 23.39 16.35
N ALA B 73 -6.53 22.80 15.31
CA ALA B 73 -7.85 23.18 14.82
C ALA B 73 -8.86 22.12 15.24
N SER B 74 -10.12 22.51 15.36
CA SER B 74 -11.15 21.59 15.82
C SER B 74 -12.41 21.76 14.99
N LEU B 75 -13.00 20.62 14.63
CA LEU B 75 -14.29 20.52 13.99
C LEU B 75 -15.31 20.04 15.01
N THR B 76 -16.36 20.80 15.21
CA THR B 76 -17.42 20.43 16.13
C THR B 76 -18.66 20.10 15.34
N ILE B 77 -19.27 18.96 15.64
CA ILE B 77 -20.55 18.56 15.08
C ILE B 77 -21.56 18.57 16.22
N SER B 78 -22.59 19.40 16.10
CA SER B 78 -23.68 19.45 17.07
C SER B 78 -24.87 18.64 16.56
N GLY B 79 -25.68 18.17 17.49
CA GLY B 79 -26.87 17.41 17.14
C GLY B 79 -26.55 16.22 16.26
N LEU B 80 -25.53 15.45 16.65
CA LEU B 80 -25.12 14.27 15.91
C LEU B 80 -26.32 13.48 15.41
N GLN B 81 -26.25 13.04 14.16
CA GLN B 81 -27.25 12.11 13.63
C GLN B 81 -26.56 11.11 12.74
N ALA B 82 -27.31 10.07 12.37
CA ALA B 82 -26.73 8.89 11.71
C ALA B 82 -25.99 9.28 10.44
N GLY B 83 -26.51 10.26 9.70
CA GLY B 83 -25.86 10.70 8.48
C GLY B 83 -24.51 11.32 8.69
N ASP B 84 -24.16 11.68 9.93
CA ASP B 84 -22.85 12.26 10.21
C ASP B 84 -21.75 11.22 10.37
N GLU B 85 -22.11 9.95 10.52
CA GLU B 85 -21.12 8.88 10.59
C GLU B 85 -20.31 8.86 9.30
N ALA B 86 -19.00 9.07 9.42
CA ALA B 86 -18.21 9.31 8.22
C ALA B 86 -16.77 9.57 8.61
N SER B 87 -15.91 9.68 7.60
CA SER B 87 -14.51 10.07 7.83
C SER B 87 -14.39 11.59 7.67
N TYR B 88 -13.54 12.20 8.49
CA TYR B 88 -13.35 13.64 8.47
C TYR B 88 -11.87 13.94 8.41
N TYR B 89 -11.50 14.82 7.48
CA TYR B 89 -10.11 15.19 7.27
C TYR B 89 -9.96 16.69 7.40
N CYS B 90 -8.92 17.12 8.12
CA CYS B 90 -8.51 18.51 8.05
C CYS B 90 -7.43 18.67 6.98
N SER B 91 -7.24 19.92 6.55
CA SER B 91 -6.19 20.24 5.60
C SER B 91 -5.67 21.63 5.93
N SER B 92 -4.40 21.83 5.64
CA SER B 92 -3.81 23.15 5.82
C SER B 92 -2.83 23.44 4.72
N TYR B 93 -2.82 24.73 4.35
CA TYR B 93 -1.74 25.34 3.59
C TYR B 93 -0.47 25.38 4.43
N THR B 94 0.67 25.20 3.77
CA THR B 94 1.96 25.22 4.44
C THR B 94 3.03 25.67 3.47
N THR B 95 4.23 25.85 4.00
CA THR B 95 5.39 26.20 3.18
C THR B 95 6.58 25.33 3.56
N ARG B 106 5.17 26.36 -1.50
CA ARG B 106 3.81 26.25 -1.00
C ARG B 106 3.28 24.84 -1.23
N ALA B 107 2.68 24.25 -0.19
CA ALA B 107 2.13 22.91 -0.30
C ALA B 107 0.86 22.82 0.53
N TYR B 108 0.13 21.74 0.32
CA TYR B 108 -1.02 21.41 1.15
C TYR B 108 -0.80 20.06 1.80
N VAL B 109 -1.32 19.92 3.01
CA VAL B 109 -1.26 18.65 3.73
C VAL B 109 -2.63 18.33 4.28
N PHE B 110 -3.00 17.05 4.24
CA PHE B 110 -4.22 16.54 4.86
C PHE B 110 -3.88 15.86 6.17
N GLY B 111 -4.80 15.92 7.11
CA GLY B 111 -4.69 15.15 8.33
C GLY B 111 -4.93 13.67 8.08
N SER B 112 -4.58 12.88 9.08
CA SER B 112 -4.64 11.43 8.95
C SER B 112 -6.08 10.91 8.87
N GLY B 113 -7.06 11.72 9.26
CA GLY B 113 -8.44 11.30 9.12
C GLY B 113 -9.02 10.73 10.40
N THR B 114 -10.27 11.08 10.69
CA THR B 114 -10.96 10.62 11.89
C THR B 114 -12.25 9.94 11.49
N GLN B 115 -12.47 8.74 11.99
CA GLN B 115 -13.72 8.04 11.76
C GLN B 115 -14.70 8.40 12.87
N VAL B 116 -15.83 9.01 12.49
CA VAL B 116 -16.90 9.37 13.43
C VAL B 116 -17.96 8.29 13.37
N THR B 117 -18.22 7.68 14.52
CA THR B 117 -19.24 6.67 14.73
C THR B 117 -20.39 7.27 15.53
N VAL B 118 -21.60 7.13 15.02
CA VAL B 118 -22.80 7.54 15.72
C VAL B 118 -23.44 6.28 16.30
N LEU B 119 -23.43 6.17 17.63
CA LEU B 119 -24.01 5.01 18.31
C LEU B 119 -25.53 4.97 18.14
N GLY B 120 -25.99 4.27 17.12
CA GLY B 120 -27.42 4.16 16.86
C GLY B 120 -27.79 2.82 16.24
N ASN B 125 -25.87 -6.34 18.84
CA ASN B 125 -26.80 -7.10 18.02
C ASN B 125 -26.50 -6.91 16.53
N PRO B 126 -25.57 -7.71 15.99
CA PRO B 126 -25.24 -7.58 14.57
C PRO B 126 -26.44 -7.90 13.70
N THR B 127 -26.57 -7.15 12.60
CA THR B 127 -27.66 -7.37 11.66
C THR B 127 -27.20 -8.35 10.59
N VAL B 128 -27.92 -9.48 10.47
CA VAL B 128 -27.55 -10.56 9.57
C VAL B 128 -28.68 -10.76 8.57
N THR B 129 -28.33 -10.82 7.29
CA THR B 129 -29.28 -10.98 6.19
C THR B 129 -28.78 -12.09 5.29
N LEU B 130 -29.55 -13.17 5.20
CA LEU B 130 -29.16 -14.35 4.42
C LEU B 130 -30.06 -14.49 3.20
N PHE B 131 -29.44 -14.58 2.03
CA PHE B 131 -30.14 -14.82 0.78
C PHE B 131 -29.59 -16.10 0.16
N PRO B 132 -30.43 -17.10 -0.11
CA PRO B 132 -29.95 -18.36 -0.67
C PRO B 132 -29.81 -18.29 -2.19
N PRO B 133 -29.20 -19.28 -2.82
CA PRO B 133 -29.08 -19.27 -4.27
C PRO B 133 -30.44 -19.26 -4.94
N SER B 134 -30.53 -18.51 -6.04
CA SER B 134 -31.79 -18.29 -6.74
C SER B 134 -31.88 -19.16 -7.99
N SER B 135 -33.06 -19.13 -8.61
CA SER B 135 -33.30 -19.95 -9.79
C SER B 135 -32.37 -19.56 -10.94
N GLU B 136 -32.10 -18.27 -11.10
CA GLU B 136 -31.28 -17.84 -12.22
C GLU B 136 -29.83 -18.29 -12.05
N GLU B 137 -29.28 -18.09 -10.85
CA GLU B 137 -27.93 -18.56 -10.56
C GLU B 137 -27.80 -20.06 -10.83
N LEU B 138 -28.71 -20.86 -10.26
CA LEU B 138 -28.61 -22.31 -10.41
C LEU B 138 -28.81 -22.72 -11.85
N GLN B 139 -29.70 -22.04 -12.58
CA GLN B 139 -29.79 -22.27 -14.01
C GLN B 139 -28.44 -22.07 -14.68
N ALA B 140 -27.67 -21.10 -14.18
CA ALA B 140 -26.35 -20.80 -14.74
C ALA B 140 -25.23 -21.67 -14.16
N ASN B 141 -25.56 -22.83 -13.58
CA ASN B 141 -24.55 -23.76 -13.07
C ASN B 141 -23.66 -23.12 -12.00
N LYS B 142 -24.26 -22.35 -11.11
CA LYS B 142 -23.52 -21.70 -10.04
C LYS B 142 -24.46 -21.41 -8.89
N ALA B 143 -24.09 -21.81 -7.68
CA ALA B 143 -24.90 -21.49 -6.51
C ALA B 143 -24.07 -20.70 -5.50
N THR B 144 -24.68 -19.65 -4.96
CA THR B 144 -23.98 -18.74 -4.04
C THR B 144 -24.85 -18.46 -2.83
N LEU B 145 -24.27 -18.62 -1.66
CA LEU B 145 -24.90 -18.24 -0.40
C LEU B 145 -24.46 -16.83 -0.04
N VAL B 146 -25.43 -15.94 0.19
CA VAL B 146 -25.17 -14.52 0.40
C VAL B 146 -25.44 -14.20 1.86
N CYS B 147 -24.38 -14.00 2.63
CA CYS B 147 -24.48 -13.58 4.04
C CYS B 147 -23.98 -12.14 4.14
N LEU B 148 -24.89 -11.23 4.44
CA LEU B 148 -24.59 -9.80 4.51
C LEU B 148 -24.85 -9.31 5.93
N ILE B 149 -23.82 -8.78 6.58
CA ILE B 149 -23.94 -8.27 7.93
C ILE B 149 -23.70 -6.77 7.92
N SER B 150 -24.41 -6.09 8.82
CA SER B 150 -24.34 -4.64 8.91
C SER B 150 -24.66 -4.19 10.33
N ASP B 151 -24.28 -2.94 10.62
CA ASP B 151 -24.70 -2.24 11.83
C ASP B 151 -24.26 -2.97 13.09
N PHE B 152 -22.94 -3.07 13.24
CA PHE B 152 -22.33 -3.59 14.45
C PHE B 152 -21.14 -2.72 14.83
N TYR B 153 -20.95 -2.49 16.12
CA TYR B 153 -19.83 -1.73 16.63
C TYR B 153 -19.41 -2.29 17.99
N PRO B 154 -18.10 -2.50 18.22
CA PRO B 154 -16.92 -2.24 17.39
C PRO B 154 -16.88 -3.07 16.09
N GLY B 155 -15.82 -2.86 15.31
CA GLY B 155 -15.75 -3.41 13.96
C GLY B 155 -15.35 -4.87 13.86
N ALA B 156 -14.85 -5.47 14.94
CA ALA B 156 -14.37 -6.84 14.87
C ALA B 156 -15.55 -7.82 14.87
N VAL B 157 -15.67 -8.59 13.78
CA VAL B 157 -16.66 -9.66 13.70
C VAL B 157 -16.01 -10.85 13.01
N THR B 158 -16.44 -12.05 13.41
CA THR B 158 -15.94 -13.30 12.82
C THR B 158 -17.10 -14.03 12.17
N VAL B 159 -17.02 -14.19 10.85
CA VAL B 159 -18.08 -14.83 10.08
C VAL B 159 -17.64 -16.25 9.77
N ALA B 160 -18.23 -17.22 10.46
CA ALA B 160 -18.07 -18.63 10.16
C ALA B 160 -19.31 -19.15 9.44
N TRP B 161 -19.18 -20.35 8.87
CA TRP B 161 -20.24 -20.97 8.09
C TRP B 161 -20.40 -22.42 8.50
N LYS B 162 -21.61 -22.94 8.32
CA LYS B 162 -21.87 -24.36 8.49
C LYS B 162 -22.98 -24.77 7.54
N ALA B 163 -22.92 -26.02 7.09
CA ALA B 163 -24.01 -26.62 6.32
C ALA B 163 -24.09 -28.09 6.69
N ASP B 164 -25.32 -28.58 6.89
CA ASP B 164 -25.55 -29.93 7.40
C ASP B 164 -25.17 -30.04 8.87
N SER B 165 -25.30 -28.94 9.61
CA SER B 165 -24.74 -28.80 10.96
C SER B 165 -23.25 -29.09 10.98
N SER B 166 -22.62 -29.06 9.81
CA SER B 166 -21.24 -29.48 9.64
C SER B 166 -20.41 -28.29 9.18
N PRO B 167 -19.35 -27.91 9.90
CA PRO B 167 -18.51 -26.80 9.44
C PRO B 167 -17.97 -27.02 8.02
N VAL B 168 -18.43 -26.20 7.08
CA VAL B 168 -17.97 -26.27 5.69
C VAL B 168 -17.22 -24.99 5.37
N LYS B 169 -16.12 -25.12 4.62
CA LYS B 169 -15.34 -23.95 4.24
C LYS B 169 -14.82 -24.05 2.80
N ALA B 170 -15.41 -24.91 1.98
CA ALA B 170 -15.00 -25.07 0.58
C ALA B 170 -15.79 -24.06 -0.26
N GLY B 171 -15.25 -22.84 -0.35
CA GLY B 171 -15.86 -21.80 -1.16
C GLY B 171 -16.23 -20.56 -0.37
N VAL B 172 -15.67 -20.41 0.83
CA VAL B 172 -16.01 -19.30 1.71
C VAL B 172 -15.12 -18.12 1.38
N GLU B 173 -15.73 -17.02 0.94
CA GLU B 173 -15.03 -15.75 0.80
C GLU B 173 -15.61 -14.76 1.78
N THR B 174 -14.74 -14.06 2.50
CA THR B 174 -15.16 -13.21 3.61
C THR B 174 -14.44 -11.88 3.53
N THR B 175 -15.20 -10.80 3.72
CA THR B 175 -14.65 -9.45 3.81
C THR B 175 -15.22 -8.80 5.06
N THR B 176 -14.33 -8.49 6.01
CA THR B 176 -14.70 -7.82 7.24
C THR B 176 -13.91 -6.52 7.36
N PRO B 177 -14.41 -5.56 8.13
CA PRO B 177 -13.72 -4.26 8.22
C PRO B 177 -12.29 -4.42 8.73
N SER B 178 -11.40 -3.59 8.18
CA SER B 178 -10.01 -3.54 8.60
C SER B 178 -9.53 -2.09 8.50
N LYS B 179 -8.30 -1.86 8.96
CA LYS B 179 -7.68 -0.55 8.78
C LYS B 179 -7.68 -0.15 7.31
N GLN B 180 -7.59 -1.13 6.41
CA GLN B 180 -7.40 -0.90 4.99
C GLN B 180 -8.67 -1.10 4.17
N SER B 181 -9.83 -0.79 4.75
CA SER B 181 -11.10 -0.91 4.06
C SER B 181 -11.87 0.40 4.16
N ASN B 182 -12.79 0.61 3.21
CA ASN B 182 -13.56 1.84 3.17
C ASN B 182 -14.72 1.81 4.17
N ASN B 183 -15.62 0.84 4.03
CA ASN B 183 -16.77 0.73 4.92
C ASN B 183 -16.37 -0.10 6.13
N LYS B 184 -16.34 0.54 7.30
CA LYS B 184 -15.88 -0.10 8.53
C LYS B 184 -17.03 -0.63 9.37
N TYR B 185 -18.27 -0.56 8.89
CA TYR B 185 -19.43 -0.98 9.66
C TYR B 185 -20.21 -2.13 9.04
N ALA B 186 -19.87 -2.54 7.81
CA ALA B 186 -20.54 -3.66 7.16
C ALA B 186 -19.53 -4.73 6.81
N ALA B 187 -20.02 -5.95 6.61
CA ALA B 187 -19.16 -7.04 6.20
C ALA B 187 -19.96 -8.03 5.37
N SER B 188 -19.26 -8.75 4.50
CA SER B 188 -19.88 -9.67 3.56
C SER B 188 -19.21 -11.03 3.65
N SER B 189 -19.95 -12.06 3.27
CA SER B 189 -19.38 -13.39 3.14
C SER B 189 -20.27 -14.21 2.21
N TYR B 190 -19.64 -14.93 1.29
CA TYR B 190 -20.35 -15.75 0.33
C TYR B 190 -19.82 -17.18 0.39
N LEU B 191 -20.72 -18.13 0.13
CA LEU B 191 -20.33 -19.52 -0.11
C LEU B 191 -20.69 -19.85 -1.55
N SER B 192 -19.71 -19.73 -2.45
CA SER B 192 -19.89 -20.19 -3.81
C SER B 192 -19.63 -21.69 -3.88
N LEU B 193 -20.39 -22.36 -4.74
CA LEU B 193 -20.20 -23.80 -4.86
C LEU B 193 -21.02 -24.33 -6.03
N THR B 194 -20.69 -25.58 -6.39
CA THR B 194 -21.25 -26.32 -7.50
C THR B 194 -22.74 -26.56 -7.27
N PRO B 195 -23.48 -26.94 -8.30
CA PRO B 195 -24.92 -27.16 -8.14
C PRO B 195 -25.22 -28.33 -7.21
N GLU B 196 -26.46 -28.32 -6.71
CA GLU B 196 -27.07 -29.43 -5.98
C GLU B 196 -26.49 -29.64 -4.58
N GLN B 197 -25.49 -28.87 -4.17
CA GLN B 197 -25.07 -28.91 -2.78
C GLN B 197 -26.07 -28.17 -1.88
N TRP B 198 -26.88 -27.30 -2.47
CA TRP B 198 -27.97 -26.65 -1.74
C TRP B 198 -29.20 -27.55 -1.69
N LYS B 199 -29.46 -28.30 -2.76
CA LYS B 199 -30.58 -29.24 -2.80
C LYS B 199 -30.21 -30.58 -2.17
N SER B 200 -28.92 -30.86 -2.03
CA SER B 200 -28.48 -32.06 -1.31
C SER B 200 -29.14 -32.14 0.06
N HIS B 201 -29.13 -31.03 0.79
CA HIS B 201 -29.69 -30.96 2.12
C HIS B 201 -30.16 -29.55 2.38
N LYS B 202 -30.73 -29.33 3.57
CA LYS B 202 -31.24 -28.00 3.91
C LYS B 202 -30.13 -27.12 4.47
N SER B 203 -28.99 -27.06 3.78
CA SER B 203 -27.99 -26.05 4.07
C SER B 203 -28.71 -24.71 4.02
N TYR B 204 -28.37 -23.73 4.85
CA TYR B 204 -27.16 -23.70 5.67
C TYR B 204 -27.38 -22.81 6.89
N SER B 205 -26.29 -22.49 7.58
CA SER B 205 -26.30 -21.48 8.64
C SER B 205 -25.06 -20.62 8.53
N CYS B 206 -25.26 -19.30 8.57
CA CYS B 206 -24.18 -18.32 8.64
C CYS B 206 -24.06 -17.88 10.09
N GLN B 207 -22.95 -18.21 10.72
CA GLN B 207 -22.68 -17.82 12.10
C GLN B 207 -21.80 -16.58 12.11
N VAL B 208 -22.14 -15.63 12.99
CA VAL B 208 -21.38 -14.39 13.10
C VAL B 208 -21.15 -14.11 14.58
N THR B 209 -19.89 -14.01 14.98
CA THR B 209 -19.51 -13.67 16.34
C THR B 209 -19.10 -12.22 16.42
N HIS B 210 -19.54 -11.56 17.51
CA HIS B 210 -19.29 -10.13 17.72
C HIS B 210 -19.15 -9.91 19.23
N GLU B 211 -17.95 -10.20 19.73
CA GLU B 211 -17.62 -10.02 21.14
C GLU B 211 -18.71 -10.59 22.05
N GLY B 212 -18.81 -11.91 22.02
CA GLY B 212 -19.82 -12.62 22.80
C GLY B 212 -21.21 -12.58 22.22
N SER B 213 -21.47 -11.74 21.22
CA SER B 213 -22.77 -11.70 20.56
C SER B 213 -22.69 -12.61 19.34
N THR B 214 -23.09 -13.87 19.52
CA THR B 214 -23.10 -14.85 18.45
C THR B 214 -24.50 -14.91 17.85
N VAL B 215 -24.62 -14.45 16.61
CA VAL B 215 -25.84 -14.54 15.83
C VAL B 215 -25.61 -15.61 14.77
N GLU B 216 -26.14 -16.80 15.00
CA GLU B 216 -26.16 -17.84 13.97
C GLU B 216 -27.52 -17.80 13.30
N LYS B 217 -27.55 -17.41 12.03
CA LYS B 217 -28.77 -17.34 11.25
C LYS B 217 -28.79 -18.55 10.34
N THR B 218 -29.73 -19.46 10.56
CA THR B 218 -29.92 -20.59 9.67
C THR B 218 -30.98 -20.22 8.64
N VAL B 219 -30.66 -20.46 7.38
CA VAL B 219 -31.57 -20.21 6.26
C VAL B 219 -31.31 -21.28 5.22
N ALA B 220 -32.34 -22.02 4.85
CA ALA B 220 -32.18 -23.20 4.00
C ALA B 220 -33.11 -23.13 2.80
N PRO B 221 -32.59 -23.11 1.58
CA PRO B 221 -33.45 -23.23 0.40
C PRO B 221 -33.69 -24.68 0.02
N THR B 222 -34.81 -24.90 -0.66
CA THR B 222 -35.20 -26.24 -1.09
C THR B 222 -35.81 -26.21 -2.47
N VAL C 2 21.02 -17.22 19.52
CA VAL C 2 19.60 -17.07 19.21
C VAL C 2 19.44 -16.64 17.76
N GLN C 3 18.55 -17.32 17.04
CA GLN C 3 18.30 -17.01 15.64
C GLN C 3 16.90 -17.45 15.27
N LEU C 4 16.19 -16.59 14.55
CA LEU C 4 14.85 -16.88 14.05
C LEU C 4 14.90 -17.02 12.54
N GLN C 5 14.47 -18.18 12.03
CA GLN C 5 14.53 -18.49 10.60
C GLN C 5 13.11 -18.72 10.08
N GLN C 6 12.71 -17.96 9.09
CA GLN C 6 11.34 -18.01 8.58
C GLN C 6 11.22 -18.92 7.36
N SER C 7 10.05 -19.53 7.21
CA SER C 7 9.73 -20.28 6.00
C SER C 7 8.23 -20.22 5.76
N GLY C 8 7.82 -20.78 4.62
CA GLY C 8 6.43 -20.79 4.22
C GLY C 8 6.26 -20.13 2.87
N PRO C 9 5.24 -20.53 2.12
CA PRO C 9 5.02 -19.92 0.80
C PRO C 9 4.71 -18.44 0.92
N GLY C 10 5.48 -17.63 0.19
CA GLY C 10 5.16 -16.22 0.11
C GLY C 10 3.97 -15.93 -0.79
N LEU C 11 3.77 -16.75 -1.80
CA LEU C 11 2.68 -16.55 -2.76
C LEU C 11 1.40 -17.23 -2.26
N VAL C 12 0.34 -16.45 -2.16
CA VAL C 12 -0.95 -16.93 -1.68
C VAL C 12 -2.04 -16.39 -2.60
N LYS C 13 -3.00 -17.25 -2.96
CA LYS C 13 -4.10 -16.77 -3.78
C LYS C 13 -5.09 -15.97 -2.93
N PRO C 14 -5.83 -15.04 -3.55
CA PRO C 14 -6.86 -14.32 -2.79
C PRO C 14 -7.89 -15.26 -2.20
N SER C 15 -8.35 -14.95 -1.00
CA SER C 15 -9.38 -15.66 -0.26
C SER C 15 -8.85 -16.93 0.39
N GLN C 16 -7.63 -17.35 0.10
CA GLN C 16 -7.06 -18.53 0.74
C GLN C 16 -6.25 -18.13 1.96
N THR C 17 -5.55 -19.09 2.56
CA THR C 17 -4.91 -18.89 3.85
C THR C 17 -3.40 -18.76 3.69
N LEU C 18 -2.85 -17.67 4.20
CA LEU C 18 -1.41 -17.53 4.39
C LEU C 18 -0.97 -18.35 5.60
N SER C 19 0.11 -19.11 5.44
CA SER C 19 0.67 -19.92 6.52
C SER C 19 2.18 -19.74 6.53
N LEU C 20 2.69 -19.14 7.60
CA LEU C 20 4.12 -18.89 7.74
C LEU C 20 4.62 -19.53 9.03
N THR C 21 5.88 -19.96 9.01
CA THR C 21 6.49 -20.62 10.15
C THR C 21 7.79 -19.91 10.53
N CYS C 22 8.02 -19.83 11.83
CA CYS C 22 9.22 -19.25 12.41
C CYS C 22 9.89 -20.34 13.25
N ASN C 23 11.03 -20.81 12.77
CA ASN C 23 11.83 -21.79 13.48
C ASN C 23 12.79 -21.04 14.40
N VAL C 24 12.68 -21.31 15.69
CA VAL C 24 13.47 -20.64 16.72
C VAL C 24 14.66 -21.53 17.05
N TYR C 25 15.86 -20.96 16.96
CA TYR C 25 17.10 -21.61 17.31
C TYR C 25 17.76 -20.90 18.48
N GLY C 26 18.41 -21.68 19.35
CA GLY C 26 19.24 -21.14 20.41
C GLY C 26 18.51 -20.82 21.70
N VAL C 27 17.20 -21.00 21.75
CA VAL C 27 16.42 -20.75 22.96
C VAL C 27 15.16 -21.57 22.85
N ALA C 28 14.67 -22.06 23.99
CA ALA C 28 13.46 -22.86 24.00
C ALA C 28 12.22 -21.98 23.89
N ILE C 29 11.30 -22.39 23.01
CA ILE C 29 10.08 -21.61 22.82
C ILE C 29 9.20 -21.66 24.06
N SER C 30 9.43 -22.61 24.95
CA SER C 30 8.68 -22.71 26.20
C SER C 30 9.29 -21.89 27.32
N ASN C 31 10.47 -21.31 27.09
CA ASN C 31 11.10 -20.44 28.07
C ASN C 31 10.14 -19.32 28.49
N GLU C 32 9.83 -19.25 29.77
CA GLU C 32 8.80 -18.32 30.23
C GLU C 32 9.26 -16.86 30.19
N ASP C 33 10.51 -16.59 29.83
CA ASP C 33 10.98 -15.22 29.64
C ASP C 33 10.40 -14.55 28.41
N TYR C 34 9.87 -15.32 27.44
CA TYR C 34 9.64 -14.80 26.10
C TYR C 34 8.24 -15.09 25.56
N TYR C 35 7.69 -14.09 24.90
CA TYR C 35 6.54 -14.21 24.01
C TYR C 35 7.05 -14.27 22.57
N TRP C 36 6.21 -14.79 21.68
CA TRP C 36 6.60 -14.99 20.29
C TRP C 36 5.58 -14.31 19.41
N THR C 37 6.05 -13.39 18.56
CA THR C 37 5.15 -12.45 17.91
C THR C 37 5.36 -12.40 16.40
N TRP C 38 4.31 -11.98 15.70
CA TRP C 38 4.36 -11.67 14.29
C TRP C 38 3.99 -10.20 14.05
N ILE C 39 4.75 -9.60 13.12
CA ILE C 39 4.71 -8.21 12.70
C ILE C 39 4.72 -8.20 11.18
N ARG C 40 4.12 -7.19 10.56
CA ARG C 40 4.23 -7.06 9.12
C ARG C 40 4.44 -5.61 8.71
N GLN C 41 4.92 -5.44 7.49
CA GLN C 41 5.33 -4.13 6.97
C GLN C 41 5.06 -4.08 5.48
N HIS C 42 4.18 -3.18 5.07
CA HIS C 42 4.02 -2.91 3.66
C HIS C 42 5.23 -2.14 3.14
N PRO C 43 5.72 -2.46 1.94
CA PRO C 43 6.84 -1.65 1.47
C PRO C 43 6.36 -0.28 0.98
N GLY C 44 6.94 0.84 1.41
CA GLY C 44 7.97 0.94 2.42
C GLY C 44 7.43 1.56 3.70
N LYS C 45 6.19 1.20 4.04
CA LYS C 45 5.47 1.87 5.10
C LYS C 45 5.94 1.34 6.46
N GLY C 46 5.17 1.65 7.52
CA GLY C 46 5.59 1.35 8.87
C GLY C 46 5.20 -0.04 9.32
N LEU C 47 5.69 -0.41 10.51
CA LEU C 47 5.49 -1.74 11.05
C LEU C 47 4.12 -1.86 11.68
N GLU C 48 3.54 -3.06 11.57
CA GLU C 48 2.23 -3.35 12.14
C GLU C 48 2.31 -4.63 12.96
N TRP C 49 1.99 -4.53 14.24
CA TRP C 49 1.99 -5.72 15.09
C TRP C 49 0.75 -6.56 14.79
N ILE C 50 0.95 -7.88 14.64
CA ILE C 50 -0.13 -8.77 14.26
C ILE C 50 -0.61 -9.48 15.50
N GLY C 51 0.31 -10.13 16.20
CA GLY C 51 -0.11 -10.80 17.41
C GLY C 51 1.02 -11.56 18.03
N ASP C 52 0.71 -12.20 19.16
CA ASP C 52 1.73 -12.99 19.86
C ASP C 52 1.07 -14.15 20.60
N ILE C 53 1.95 -15.04 21.07
CA ILE C 53 1.57 -16.20 21.85
C ILE C 53 2.60 -16.38 22.96
N TYR C 54 2.13 -16.92 24.08
CA TYR C 54 2.95 -17.24 25.23
C TYR C 54 2.76 -18.73 25.50
N TYR C 55 3.86 -19.50 25.45
CA TYR C 55 3.70 -20.95 25.54
C TYR C 55 3.14 -21.38 26.89
N ASN C 56 3.66 -20.82 27.98
CA ASN C 56 3.37 -21.36 29.31
C ASN C 56 1.89 -21.25 29.68
N SER C 57 1.17 -20.29 29.10
CA SER C 57 -0.28 -20.20 29.27
C SER C 57 -1.05 -20.63 28.04
N GLY C 58 -0.40 -20.59 26.86
CA GLY C 58 -1.08 -20.79 25.60
C GLY C 58 -1.92 -19.63 25.15
N THR C 59 -1.87 -18.50 25.85
CA THR C 59 -2.72 -17.36 25.52
C THR C 59 -2.17 -16.63 24.31
N THR C 60 -3.08 -16.25 23.40
CA THR C 60 -2.75 -15.44 22.25
C THR C 60 -3.37 -14.05 22.41
N HIS C 61 -2.71 -13.06 21.83
CA HIS C 61 -3.27 -11.72 21.74
C HIS C 61 -3.05 -11.18 20.34
N TYR C 62 -4.00 -10.38 19.86
CA TYR C 62 -4.00 -9.96 18.46
C TYR C 62 -4.28 -8.47 18.35
N ASN C 63 -3.75 -7.89 17.27
CA ASN C 63 -4.16 -6.58 16.82
C ASN C 63 -5.67 -6.61 16.58
N PRO C 64 -6.48 -5.86 17.33
CA PRO C 64 -7.94 -6.04 17.26
C PRO C 64 -8.50 -6.17 15.86
N SER C 65 -7.93 -5.45 14.89
CA SER C 65 -8.42 -5.55 13.52
C SER C 65 -8.09 -6.89 12.87
N LEU C 66 -7.11 -7.62 13.40
CA LEU C 66 -6.72 -8.91 12.84
C LEU C 66 -7.10 -10.10 13.71
N LYS C 67 -7.74 -9.87 14.86
CA LYS C 67 -8.15 -10.99 15.69
C LYS C 67 -9.05 -11.94 14.93
N SER C 68 -9.81 -11.44 13.94
CA SER C 68 -10.81 -12.25 13.26
C SER C 68 -10.19 -13.17 12.23
N ARG C 69 -9.05 -12.79 11.64
CA ARG C 69 -8.45 -13.54 10.55
C ARG C 69 -7.09 -14.12 10.89
N ALA C 70 -6.42 -13.64 11.93
CA ALA C 70 -5.06 -14.04 12.25
C ALA C 70 -5.04 -15.00 13.44
N SER C 71 -4.19 -16.01 13.34
CA SER C 71 -4.07 -17.02 14.39
C SER C 71 -2.59 -17.40 14.55
N VAL C 72 -2.11 -17.43 15.78
CA VAL C 72 -0.74 -17.81 16.08
C VAL C 72 -0.78 -19.11 16.87
N SER C 73 0.09 -20.05 16.51
CA SER C 73 0.15 -21.33 17.21
C SER C 73 1.61 -21.67 17.46
N VAL C 74 1.83 -22.56 18.42
CA VAL C 74 3.18 -22.97 18.81
CA VAL C 74 3.18 -22.96 18.80
C VAL C 74 3.30 -24.48 18.64
N ASP C 75 4.45 -24.92 18.15
CA ASP C 75 4.78 -26.33 17.97
C ASP C 75 6.06 -26.56 18.76
N LEU C 76 5.90 -27.13 19.96
CA LEU C 76 7.02 -27.27 20.88
C LEU C 76 8.02 -28.30 20.37
N SER C 77 7.54 -29.41 19.81
CA SER C 77 8.42 -30.45 19.30
C SER C 77 9.48 -29.85 18.36
N ARG C 78 9.04 -29.00 17.45
CA ARG C 78 9.90 -28.38 16.46
C ARG C 78 10.47 -27.04 16.91
N ASN C 79 10.11 -26.57 18.11
CA ASN C 79 10.55 -25.27 18.59
C ASN C 79 10.25 -24.19 17.56
N GLN C 80 9.01 -24.18 17.08
CA GLN C 80 8.61 -23.20 16.09
C GLN C 80 7.26 -22.62 16.48
N PHE C 81 6.91 -21.49 15.87
CA PHE C 81 5.56 -20.98 15.96
C PHE C 81 5.12 -20.48 14.59
N THR C 82 3.80 -20.46 14.39
CA THR C 82 3.20 -20.31 13.08
C THR C 82 2.14 -19.21 13.10
N LEU C 83 2.04 -18.52 11.97
CA LEU C 83 1.01 -17.53 11.71
C LEU C 83 0.12 -18.05 10.59
N LYS C 84 -1.19 -18.02 10.81
CA LYS C 84 -2.17 -18.27 9.76
C LYS C 84 -3.05 -17.03 9.61
N VAL C 85 -3.25 -16.60 8.37
CA VAL C 85 -4.17 -15.51 8.07
C VAL C 85 -5.16 -16.00 7.01
N THR C 86 -6.44 -16.00 7.36
CA THR C 86 -7.47 -16.51 6.49
C THR C 86 -8.01 -15.41 5.59
N SER C 87 -8.65 -15.84 4.50
CA SER C 87 -9.32 -14.95 3.55
C SER C 87 -8.45 -13.76 3.20
N VAL C 88 -7.24 -14.06 2.71
CA VAL C 88 -6.30 -12.99 2.41
C VAL C 88 -6.81 -12.16 1.23
N THR C 89 -6.42 -10.89 1.24
CA THR C 89 -6.69 -9.98 0.13
C THR C 89 -5.41 -9.24 -0.19
N THR C 90 -5.45 -8.41 -1.23
CA THR C 90 -4.24 -7.71 -1.66
C THR C 90 -3.69 -6.83 -0.56
N ALA C 91 -4.56 -6.32 0.32
CA ALA C 91 -4.11 -5.53 1.46
C ALA C 91 -3.19 -6.30 2.38
N ASP C 92 -3.16 -7.63 2.27
CA ASP C 92 -2.33 -8.47 3.13
C ASP C 92 -0.95 -8.74 2.55
N ALA C 93 -0.67 -8.31 1.34
CA ALA C 93 0.66 -8.47 0.75
C ALA C 93 1.64 -7.53 1.45
N ALA C 94 2.77 -8.08 1.88
CA ALA C 94 3.69 -7.32 2.71
C ALA C 94 4.85 -8.20 3.13
N VAL C 95 5.82 -7.64 3.84
CA VAL C 95 6.87 -8.44 4.46
C VAL C 95 6.43 -8.80 5.87
N TYR C 96 6.46 -10.09 6.18
CA TYR C 96 6.09 -10.58 7.51
C TYR C 96 7.34 -10.97 8.28
N TYR C 97 7.49 -10.41 9.47
CA TYR C 97 8.57 -10.72 10.40
C TYR C 97 8.05 -11.49 11.59
N CYS C 98 8.78 -12.51 11.99
CA CYS C 98 8.61 -13.07 13.32
C CYS C 98 9.66 -12.47 14.24
N ALA C 99 9.32 -12.36 15.52
CA ALA C 99 10.24 -11.74 16.47
C ALA C 99 10.05 -12.33 17.85
N ARG C 100 11.11 -12.28 18.64
CA ARG C 100 11.08 -12.62 20.05
C ARG C 100 10.72 -11.37 20.85
N GLU C 101 9.69 -11.48 21.66
CA GLU C 101 9.19 -10.39 22.48
C GLU C 101 9.55 -10.72 23.92
N ALA C 102 10.51 -9.98 24.49
CA ALA C 102 10.85 -10.22 25.89
C ALA C 102 9.68 -9.86 26.79
N SER C 103 9.42 -10.70 27.79
CA SER C 103 8.34 -10.42 28.73
C SER C 103 8.55 -9.08 29.42
N THR C 104 7.46 -8.36 29.69
CA THR C 104 7.57 -7.14 30.47
C THR C 104 8.09 -7.42 31.87
N LYS C 105 7.96 -8.65 32.35
CA LYS C 105 8.35 -8.98 33.71
C LYS C 105 9.86 -9.18 33.88
N ILE C 106 10.63 -9.27 32.79
CA ILE C 106 12.06 -9.49 32.91
C ILE C 106 12.79 -8.19 32.62
N THR C 107 14.00 -8.07 33.19
CA THR C 107 14.78 -6.85 33.01
C THR C 107 15.40 -6.76 31.62
N ASP C 108 15.92 -7.87 31.11
CA ASP C 108 16.73 -7.85 29.88
C ASP C 108 15.83 -7.69 28.65
N ASP C 109 15.93 -6.55 27.99
CA ASP C 109 15.12 -6.21 26.82
C ASP C 109 13.63 -6.27 27.09
N GLY C 110 13.22 -6.15 28.35
CA GLY C 110 11.83 -6.38 28.71
C GLY C 110 10.84 -5.50 27.97
N GLY C 111 9.81 -6.12 27.39
CA GLY C 111 8.78 -5.40 26.68
C GLY C 111 9.16 -4.95 25.29
N ALA C 112 10.14 -5.60 24.67
CA ALA C 112 10.66 -5.17 23.37
C ALA C 112 10.98 -6.40 22.53
N PHE C 113 11.13 -6.17 21.23
CA PHE C 113 11.37 -7.24 20.26
C PHE C 113 12.87 -7.27 19.98
N ASP C 114 13.59 -8.20 20.63
CA ASP C 114 15.04 -8.12 20.60
C ASP C 114 15.70 -8.98 19.53
N PHE C 115 15.05 -10.04 19.05
CA PHE C 115 15.55 -10.83 17.93
C PHE C 115 14.47 -10.94 16.89
N TRP C 116 14.87 -10.84 15.62
CA TRP C 116 13.93 -10.78 14.50
C TRP C 116 14.29 -11.79 13.43
N GLY C 117 13.28 -12.37 12.80
CA GLY C 117 13.50 -13.09 11.57
C GLY C 117 13.94 -12.15 10.45
N ARG C 118 14.32 -12.74 9.33
CA ARG C 118 14.77 -11.95 8.18
C ARG C 118 13.60 -11.46 7.33
N GLY C 119 12.38 -11.87 7.63
CA GLY C 119 11.23 -11.43 6.87
C GLY C 119 10.92 -12.34 5.70
N THR C 120 9.63 -12.55 5.44
CA THR C 120 9.15 -13.25 4.25
C THR C 120 8.23 -12.32 3.48
N MET C 121 8.54 -12.08 2.21
CA MET C 121 7.66 -11.28 1.38
C MET C 121 6.48 -12.14 0.94
N VAL C 122 5.28 -11.62 1.19
CA VAL C 122 4.03 -12.28 0.85
C VAL C 122 3.37 -11.49 -0.27
N THR C 123 3.03 -12.20 -1.34
CA THR C 123 2.36 -11.66 -2.51
C THR C 123 1.01 -12.36 -2.64
N VAL C 124 -0.03 -11.60 -2.92
CA VAL C 124 -1.38 -12.12 -3.09
C VAL C 124 -1.73 -12.01 -4.57
N SER C 125 -1.86 -13.15 -5.25
CA SER C 125 -2.12 -13.15 -6.67
C SER C 125 -2.61 -14.52 -7.10
N SER C 126 -3.43 -14.55 -8.14
CA SER C 126 -3.90 -15.79 -8.73
C SER C 126 -2.90 -16.43 -9.67
N ALA C 127 -1.80 -15.73 -9.98
CA ALA C 127 -0.83 -16.24 -10.93
C ALA C 127 0.04 -17.32 -10.29
N SER C 128 0.59 -18.18 -11.14
CA SER C 128 1.46 -19.26 -10.72
C SER C 128 2.89 -18.77 -10.59
N THR C 129 3.72 -19.55 -9.88
CA THR C 129 5.13 -19.23 -9.79
C THR C 129 5.82 -19.45 -11.13
N LYS C 130 6.87 -18.67 -11.38
CA LYS C 130 7.68 -18.81 -12.58
C LYS C 130 9.12 -18.49 -12.23
N GLY C 131 10.03 -19.39 -12.59
CA GLY C 131 11.44 -19.19 -12.36
C GLY C 131 12.05 -18.23 -13.37
N PRO C 132 13.15 -17.59 -13.00
CA PRO C 132 13.74 -16.58 -13.88
C PRO C 132 14.50 -17.20 -15.05
N SER C 133 14.71 -16.38 -16.07
CA SER C 133 15.72 -16.63 -17.10
C SER C 133 16.86 -15.68 -16.84
N VAL C 134 18.09 -16.18 -16.88
CA VAL C 134 19.26 -15.35 -16.56
C VAL C 134 20.08 -15.17 -17.82
N PHE C 135 20.35 -13.91 -18.15
CA PHE C 135 21.09 -13.57 -19.35
C PHE C 135 22.34 -12.79 -18.95
N PRO C 136 23.51 -13.12 -19.50
CA PRO C 136 24.71 -12.34 -19.19
C PRO C 136 24.66 -10.98 -19.86
N LEU C 137 25.17 -9.98 -19.15
CA LEU C 137 25.37 -8.63 -19.67
C LEU C 137 26.87 -8.42 -19.79
N ALA C 138 27.38 -8.62 -21.00
CA ALA C 138 28.81 -8.67 -21.23
C ALA C 138 29.43 -7.27 -21.14
N PRO C 139 30.66 -7.16 -20.62
CA PRO C 139 31.29 -5.84 -20.54
C PRO C 139 31.69 -5.33 -21.91
N SER C 140 31.62 -4.01 -22.07
CA SER C 140 32.03 -3.37 -23.32
C SER C 140 33.52 -3.05 -23.34
N SER C 141 34.07 -2.59 -22.22
CA SER C 141 35.50 -2.33 -22.14
C SER C 141 36.29 -3.61 -22.37
N LYS C 142 37.36 -3.52 -23.14
CA LYS C 142 38.20 -4.68 -23.40
C LYS C 142 39.36 -4.74 -22.41
N SER C 143 40.08 -5.87 -22.44
CA SER C 143 41.05 -6.19 -21.41
C SER C 143 42.13 -5.12 -21.27
N THR C 144 42.50 -4.46 -22.37
CA THR C 144 43.63 -3.55 -22.38
C THR C 144 43.23 -2.09 -22.24
N SER C 145 41.95 -1.80 -21.98
CA SER C 145 41.52 -0.41 -21.85
C SER C 145 42.15 0.27 -20.65
N GLY C 146 42.42 -0.48 -19.58
CA GLY C 146 43.17 0.04 -18.46
C GLY C 146 42.39 0.80 -17.42
N GLY C 147 41.07 0.62 -17.35
CA GLY C 147 40.25 1.28 -16.37
C GLY C 147 39.38 0.26 -15.64
N THR C 148 38.12 0.62 -15.48
CA THR C 148 37.12 -0.30 -14.96
C THR C 148 36.22 -0.81 -16.08
N ALA C 149 35.57 -1.93 -15.81
CA ALA C 149 34.61 -2.55 -16.71
C ALA C 149 33.40 -2.98 -15.88
N ALA C 150 32.21 -2.70 -16.39
CA ALA C 150 30.97 -3.14 -15.77
C ALA C 150 30.44 -4.34 -16.53
N LEU C 151 30.12 -5.40 -15.79
CA LEU C 151 29.47 -6.57 -16.36
C LEU C 151 28.36 -6.98 -15.41
N GLY C 152 27.39 -7.72 -15.90
CA GLY C 152 26.27 -8.03 -15.04
C GLY C 152 25.46 -9.21 -15.51
N CYS C 153 24.30 -9.39 -14.88
CA CYS C 153 23.34 -10.33 -15.41
CA CYS C 153 23.32 -10.40 -15.25
C CYS C 153 21.93 -9.80 -15.19
N LEU C 154 21.10 -10.13 -16.19
CA LEU C 154 19.70 -9.76 -16.25
C LEU C 154 18.89 -10.97 -15.80
N VAL C 155 18.14 -10.80 -14.71
CA VAL C 155 17.27 -11.84 -14.17
C VAL C 155 15.86 -11.47 -14.58
N LYS C 156 15.28 -12.23 -15.51
CA LYS C 156 14.14 -11.78 -16.27
C LYS C 156 12.96 -12.73 -16.11
N ASP C 157 11.77 -12.16 -15.97
CA ASP C 157 10.50 -12.86 -16.08
C ASP C 157 10.32 -13.92 -14.99
N TYR C 158 10.36 -13.51 -13.73
CA TYR C 158 10.15 -14.42 -12.61
C TYR C 158 9.00 -13.93 -11.75
N PHE C 159 8.45 -14.85 -10.96
CA PHE C 159 7.34 -14.51 -10.09
C PHE C 159 7.17 -15.59 -9.02
N PRO C 160 6.93 -15.19 -7.77
CA PRO C 160 6.89 -13.82 -7.26
C PRO C 160 8.27 -13.36 -6.83
N GLU C 161 8.35 -12.19 -6.21
CA GLU C 161 9.56 -11.79 -5.53
C GLU C 161 9.76 -12.71 -4.31
N PRO C 162 11.01 -12.82 -3.83
CA PRO C 162 12.21 -12.18 -4.34
C PRO C 162 13.15 -13.15 -5.03
N VAL C 163 14.17 -12.61 -5.69
CA VAL C 163 15.36 -13.38 -6.04
C VAL C 163 16.53 -12.80 -5.28
N THR C 164 17.51 -13.65 -5.02
CA THR C 164 18.79 -13.27 -4.44
C THR C 164 19.87 -13.49 -5.48
N VAL C 165 20.86 -12.59 -5.50
CA VAL C 165 21.90 -12.63 -6.53
C VAL C 165 23.25 -12.45 -5.86
N SER C 166 24.15 -13.38 -6.11
CA SER C 166 25.54 -13.27 -5.65
C SER C 166 26.47 -13.36 -6.85
N TRP C 167 27.75 -13.11 -6.59
CA TRP C 167 28.77 -13.19 -7.62
C TRP C 167 29.89 -14.10 -7.14
N ASN C 168 30.29 -15.03 -8.01
CA ASN C 168 31.35 -15.99 -7.68
C ASN C 168 31.11 -16.61 -6.30
N SER C 169 29.84 -16.91 -6.01
CA SER C 169 29.45 -17.61 -4.79
C SER C 169 29.82 -16.79 -3.55
N GLY C 170 29.50 -15.49 -3.60
CA GLY C 170 29.76 -14.60 -2.48
C GLY C 170 31.21 -14.21 -2.29
N ALA C 171 32.14 -14.84 -3.00
CA ALA C 171 33.54 -14.46 -2.89
C ALA C 171 33.82 -13.08 -3.48
N LEU C 172 32.89 -12.56 -4.28
CA LEU C 172 33.01 -11.23 -4.88
C LEU C 172 31.86 -10.38 -4.39
N THR C 173 32.17 -9.33 -3.62
CA THR C 173 31.16 -8.44 -3.08
C THR C 173 31.52 -6.99 -3.37
N SER C 174 32.82 -6.69 -3.40
CA SER C 174 33.25 -5.34 -3.74
C SER C 174 32.79 -4.99 -5.16
N GLY C 175 32.27 -3.78 -5.31
CA GLY C 175 31.81 -3.32 -6.60
C GLY C 175 30.52 -3.94 -7.08
N VAL C 176 29.95 -4.89 -6.32
CA VAL C 176 28.69 -5.51 -6.71
C VAL C 176 27.55 -4.59 -6.34
N HIS C 177 26.53 -4.57 -7.20
CA HIS C 177 25.38 -3.68 -7.03
C HIS C 177 24.20 -4.36 -7.69
N THR C 178 23.26 -4.83 -6.87
CA THR C 178 22.04 -5.46 -7.36
C THR C 178 20.89 -4.46 -7.26
N PHE C 179 20.23 -4.23 -8.37
CA PHE C 179 19.22 -3.20 -8.50
C PHE C 179 17.84 -3.75 -8.14
N PRO C 180 16.97 -2.92 -7.57
CA PRO C 180 15.61 -3.38 -7.28
C PRO C 180 14.88 -3.81 -8.54
N ALA C 181 13.98 -4.78 -8.37
CA ALA C 181 13.25 -5.35 -9.49
C ALA C 181 12.20 -4.38 -10.02
N VAL C 182 11.85 -4.56 -11.30
CA VAL C 182 10.72 -3.91 -11.93
C VAL C 182 9.65 -4.97 -12.17
N LEU C 183 8.40 -4.54 -12.07
CA LEU C 183 7.26 -5.38 -12.41
C LEU C 183 6.80 -5.01 -13.81
N GLN C 184 6.90 -5.95 -14.74
CA GLN C 184 6.60 -5.69 -16.14
C GLN C 184 5.10 -5.77 -16.39
N SER C 185 4.70 -5.30 -17.57
CA SER C 185 3.28 -5.31 -17.94
C SER C 185 2.72 -6.72 -17.96
N SER C 186 3.57 -7.72 -18.14
CA SER C 186 3.18 -9.12 -18.11
C SER C 186 2.82 -9.61 -16.72
N GLY C 187 3.14 -8.86 -15.68
CA GLY C 187 2.99 -9.33 -14.31
C GLY C 187 4.18 -10.10 -13.77
N LEU C 188 5.28 -10.18 -14.52
CA LEU C 188 6.50 -10.82 -14.08
C LEU C 188 7.57 -9.78 -13.78
N TYR C 189 8.45 -10.12 -12.85
CA TYR C 189 9.50 -9.21 -12.40
C TYR C 189 10.79 -9.41 -13.20
N SER C 190 11.61 -8.36 -13.23
CA SER C 190 12.99 -8.45 -13.69
C SER C 190 13.87 -7.56 -12.83
N LEU C 191 15.12 -7.96 -12.65
CA LEU C 191 16.11 -7.11 -12.03
C LEU C 191 17.46 -7.37 -12.68
N SER C 192 18.42 -6.53 -12.37
CA SER C 192 19.78 -6.67 -12.87
C SER C 192 20.76 -6.57 -11.72
N SER C 193 21.90 -7.22 -11.91
CA SER C 193 23.01 -7.09 -10.98
C SER C 193 24.27 -6.81 -11.78
N VAL C 194 25.09 -5.88 -11.30
CA VAL C 194 26.30 -5.48 -12.01
C VAL C 194 27.46 -5.48 -11.04
N VAL C 195 28.62 -5.88 -11.53
CA VAL C 195 29.88 -5.74 -10.82
C VAL C 195 30.84 -4.96 -11.70
N THR C 196 31.52 -4.00 -11.10
CA THR C 196 32.54 -3.21 -11.76
C THR C 196 33.90 -3.69 -11.28
N VAL C 197 34.78 -4.04 -12.22
CA VAL C 197 36.06 -4.67 -11.89
C VAL C 197 37.15 -4.02 -12.73
N PRO C 198 38.41 -4.24 -12.36
CA PRO C 198 39.50 -3.77 -13.23
C PRO C 198 39.41 -4.43 -14.60
N SER C 199 39.49 -3.62 -15.64
CA SER C 199 39.43 -4.15 -17.00
C SER C 199 40.45 -5.26 -17.21
N SER C 200 41.66 -5.09 -16.66
CA SER C 200 42.70 -6.08 -16.85
C SER C 200 42.33 -7.45 -16.28
N SER C 201 41.40 -7.50 -15.32
CA SER C 201 40.97 -8.77 -14.77
C SER C 201 40.05 -9.55 -15.69
N LEU C 202 39.61 -8.95 -16.81
CA LEU C 202 38.68 -9.62 -17.70
C LEU C 202 39.33 -10.81 -18.40
N GLY C 203 40.63 -10.76 -18.64
CA GLY C 203 41.36 -11.85 -19.27
C GLY C 203 42.01 -12.82 -18.33
N THR C 204 41.78 -12.69 -17.02
CA THR C 204 42.41 -13.56 -16.02
C THR C 204 41.45 -14.07 -14.96
N GLN C 205 40.24 -13.51 -14.85
CA GLN C 205 39.32 -13.87 -13.78
C GLN C 205 37.94 -14.13 -14.35
N THR C 206 37.33 -15.23 -13.91
CA THR C 206 35.98 -15.59 -14.33
C THR C 206 34.97 -14.98 -13.38
N TYR C 207 33.87 -14.48 -13.95
CA TYR C 207 32.80 -13.87 -13.17
C TYR C 207 31.51 -14.63 -13.44
N ILE C 208 30.91 -15.16 -12.37
CA ILE C 208 29.67 -15.92 -12.44
C ILE C 208 28.67 -15.23 -11.52
N CYS C 209 27.45 -15.01 -12.02
CA CYS C 209 26.38 -14.56 -11.15
C CYS C 209 25.51 -15.77 -10.82
N ASN C 210 25.24 -15.94 -9.52
CA ASN C 210 24.45 -17.04 -9.00
C ASN C 210 23.12 -16.47 -8.53
N VAL C 211 22.03 -17.02 -9.08
CA VAL C 211 20.69 -16.49 -8.90
C VAL C 211 19.87 -17.53 -8.16
N ASN C 212 19.21 -17.10 -7.08
CA ASN C 212 18.41 -17.96 -6.22
C ASN C 212 16.98 -17.44 -6.25
N HIS C 213 16.05 -18.29 -6.66
CA HIS C 213 14.62 -17.97 -6.65
C HIS C 213 13.92 -19.12 -5.92
N LYS C 214 13.72 -18.93 -4.62
CA LYS C 214 13.22 -19.98 -3.75
C LYS C 214 11.74 -20.27 -3.99
N PRO C 215 10.90 -19.27 -4.33
CA PRO C 215 9.49 -19.59 -4.62
C PRO C 215 9.32 -20.66 -5.68
N SER C 216 10.29 -20.85 -6.57
CA SER C 216 10.32 -22.00 -7.46
C SER C 216 11.49 -22.93 -7.16
N ASN C 217 12.13 -22.78 -6.00
CA ASN C 217 13.24 -23.63 -5.57
C ASN C 217 14.28 -23.81 -6.67
N THR C 218 14.52 -22.76 -7.44
CA THR C 218 15.44 -22.84 -8.57
C THR C 218 16.68 -21.99 -8.33
N LYS C 219 17.83 -22.50 -8.78
CA LYS C 219 19.08 -21.76 -8.78
C LYS C 219 19.69 -21.84 -10.18
N VAL C 220 20.35 -20.75 -10.58
CA VAL C 220 20.95 -20.65 -11.92
C VAL C 220 22.29 -19.95 -11.79
N ASP C 221 23.33 -20.53 -12.38
CA ASP C 221 24.65 -19.93 -12.41
C ASP C 221 24.97 -19.56 -13.86
N LYS C 222 25.27 -18.28 -14.10
CA LYS C 222 25.58 -17.80 -15.44
C LYS C 222 26.95 -17.15 -15.45
N LYS C 223 27.85 -17.68 -16.29
CA LYS C 223 29.13 -17.05 -16.52
C LYS C 223 28.98 -15.86 -17.46
N VAL C 224 29.63 -14.76 -17.11
CA VAL C 224 29.58 -13.52 -17.89
C VAL C 224 30.95 -13.33 -18.52
N GLU C 225 31.04 -13.54 -19.83
CA GLU C 225 32.29 -13.41 -20.55
C GLU C 225 32.30 -12.14 -21.37
N PRO C 226 33.46 -11.55 -21.61
CA PRO C 226 33.55 -10.54 -22.68
C PRO C 226 33.20 -11.18 -24.01
N LYS C 227 32.32 -10.54 -24.77
CA LYS C 227 31.86 -11.12 -26.02
C LYS C 227 32.89 -10.86 -27.11
N SER C 228 33.35 -11.93 -27.74
CA SER C 228 34.23 -11.83 -28.90
C SER C 228 33.37 -11.97 -30.15
N CYS C 229 33.45 -10.98 -31.03
CA CYS C 229 32.91 -11.08 -32.38
C CYS C 229 33.99 -11.30 -33.41
N ASP C 230 35.23 -11.52 -32.95
CA ASP C 230 36.37 -11.80 -33.81
C ASP C 230 36.81 -10.55 -34.58
N SER D 2 -4.19 2.13 16.16
CA SER D 2 -3.61 2.98 15.13
C SER D 2 -2.22 3.48 15.56
N ALA D 3 -1.39 3.79 14.57
CA ALA D 3 0.02 4.03 14.82
C ALA D 3 0.23 5.21 15.76
N LEU D 4 1.30 5.12 16.56
CA LEU D 4 1.84 6.28 17.24
C LEU D 4 2.34 7.27 16.20
N THR D 5 2.41 8.54 16.58
CA THR D 5 2.69 9.61 15.63
C THR D 5 4.16 9.97 15.69
N GLN D 6 4.84 9.87 14.54
CA GLN D 6 6.22 10.30 14.37
C GLN D 6 6.31 11.21 13.16
N PRO D 7 7.25 12.15 13.15
CA PRO D 7 7.49 12.92 11.93
C PRO D 7 8.04 12.02 10.85
N ALA D 8 7.65 12.29 9.60
CA ALA D 8 8.07 11.46 8.49
C ALA D 8 9.59 11.55 8.28
N SER D 9 10.18 12.71 8.53
CA SER D 9 11.60 12.86 8.27
C SER D 9 12.20 13.83 9.27
N VAL D 10 13.44 13.53 9.65
CA VAL D 10 14.29 14.41 10.45
C VAL D 10 15.63 14.44 9.77
N SER D 11 16.28 15.61 9.79
CA SER D 11 17.57 15.76 9.13
C SER D 11 18.51 16.53 10.06
N GLY D 12 19.80 16.25 9.92
CA GLY D 12 20.80 16.94 10.70
C GLY D 12 22.15 16.83 10.05
N SER D 13 23.05 17.71 10.46
CA SER D 13 24.39 17.70 9.90
C SER D 13 25.24 16.64 10.58
N PRO D 14 26.29 16.16 9.93
CA PRO D 14 27.21 15.22 10.59
C PRO D 14 27.77 15.84 11.87
N GLY D 15 27.88 15.01 12.90
CA GLY D 15 28.41 15.46 14.18
C GLY D 15 27.40 16.10 15.10
N GLN D 16 26.22 16.47 14.60
CA GLN D 16 25.21 17.10 15.44
C GLN D 16 24.26 16.06 16.01
N SER D 17 23.45 16.49 16.97
CA SER D 17 22.44 15.61 17.53
C SER D 17 21.10 15.89 16.86
N ILE D 18 20.28 14.84 16.78
CA ILE D 18 18.92 14.99 16.28
C ILE D 18 18.00 14.25 17.23
N SER D 19 16.75 14.70 17.29
CA SER D 19 15.72 14.09 18.12
C SER D 19 14.54 13.69 17.25
N ILE D 20 13.92 12.58 17.63
CA ILE D 20 12.77 12.02 16.94
C ILE D 20 11.70 11.79 17.99
N SER D 21 10.59 12.50 17.85
CA SER D 21 9.49 12.36 18.80
C SER D 21 8.56 11.24 18.38
N CYS D 22 7.83 10.73 19.37
CA CYS D 22 6.88 9.64 19.18
C CYS D 22 5.73 9.92 20.14
N THR D 23 4.60 10.38 19.60
CA THR D 23 3.48 10.85 20.41
C THR D 23 2.38 9.78 20.43
N GLY D 24 2.01 9.35 21.63
CA GLY D 24 0.91 8.42 21.80
C GLY D 24 -0.14 8.95 22.76
N THR D 25 -0.74 8.07 23.56
CA THR D 25 -1.79 8.43 24.49
C THR D 25 -1.48 7.83 25.86
N SER D 26 -2.37 8.10 26.81
CA SER D 26 -2.26 7.51 28.13
C SER D 26 -2.47 5.99 28.11
N SER D 27 -2.95 5.43 26.99
CA SER D 27 -3.11 3.99 26.88
C SER D 27 -1.82 3.28 26.45
N ASP D 28 -0.81 4.03 25.99
CA ASP D 28 0.41 3.42 25.51
C ASP D 28 1.63 4.11 26.12
N ILE D 29 2.22 5.07 25.41
CA ILE D 29 3.43 5.73 25.91
C ILE D 29 3.19 6.31 27.31
N GLY D 30 2.04 6.93 27.52
CA GLY D 30 1.75 7.55 28.80
C GLY D 30 1.37 6.60 29.91
N GLY D 31 1.14 5.33 29.61
CA GLY D 31 0.62 4.41 30.60
C GLY D 31 1.59 3.33 31.00
N TYR D 32 2.69 3.20 30.25
CA TYR D 32 3.64 2.11 30.46
C TYR D 32 5.05 2.63 30.26
N LYS D 33 6.02 1.90 30.83
CA LYS D 33 7.43 2.16 30.59
C LYS D 33 8.00 1.33 29.44
N TYR D 34 7.18 0.51 28.78
CA TYR D 34 7.70 -0.42 27.77
C TYR D 34 7.68 0.23 26.39
N VAL D 35 8.48 1.29 26.29
CA VAL D 35 8.67 2.03 25.06
C VAL D 35 10.03 1.63 24.49
N SER D 36 10.06 1.27 23.22
CA SER D 36 11.30 0.86 22.59
C SER D 36 11.44 1.54 21.24
N TRP D 37 12.65 1.49 20.71
CA TRP D 37 12.98 2.08 19.42
C TRP D 37 13.77 1.07 18.60
N TYR D 38 13.50 1.07 17.29
CA TYR D 38 14.08 0.16 16.32
C TYR D 38 14.66 0.95 15.15
N GLN D 39 15.83 0.51 14.70
CA GLN D 39 16.49 1.04 13.51
C GLN D 39 16.36 0.04 12.38
N GLN D 40 15.98 0.51 11.19
CA GLN D 40 15.81 -0.34 10.03
C GLN D 40 16.47 0.30 8.82
N HIS D 41 17.51 -0.38 8.29
CA HIS D 41 18.09 -0.02 7.01
C HIS D 41 17.30 -0.68 5.89
N PRO D 42 17.26 -0.08 4.70
CA PRO D 42 16.44 -0.65 3.61
C PRO D 42 16.79 -2.11 3.34
N GLY D 43 15.75 -2.92 3.18
CA GLY D 43 15.93 -4.33 2.87
C GLY D 43 16.27 -5.22 4.04
N ARG D 44 16.41 -4.66 5.24
CA ARG D 44 16.84 -5.42 6.41
C ARG D 44 15.76 -5.41 7.48
N ALA D 45 15.83 -6.38 8.38
CA ALA D 45 14.90 -6.42 9.49
C ALA D 45 15.19 -5.30 10.47
N PRO D 46 14.18 -4.77 11.16
CA PRO D 46 14.43 -3.78 12.20
C PRO D 46 15.35 -4.33 13.27
N LYS D 47 16.01 -3.42 13.98
CA LYS D 47 16.98 -3.76 15.01
C LYS D 47 16.65 -2.97 16.27
N LEU D 48 16.54 -3.67 17.39
CA LEU D 48 16.28 -3.02 18.66
C LEU D 48 17.47 -2.15 19.06
N ILE D 49 17.21 -0.87 19.30
CA ILE D 49 18.24 0.02 19.81
C ILE D 49 17.90 0.62 21.17
N ILE D 50 16.62 0.74 21.54
CA ILE D 50 16.27 1.24 22.87
C ILE D 50 15.11 0.42 23.41
N TYR D 51 15.14 0.13 24.72
CA TYR D 51 13.99 -0.47 25.38
C TYR D 51 13.83 0.14 26.77
N ASP D 52 12.64 -0.06 27.34
CA ASP D 52 12.34 0.45 28.68
C ASP D 52 12.64 1.94 28.75
N VAL D 53 12.25 2.66 27.69
CA VAL D 53 12.42 4.10 27.54
C VAL D 53 13.87 4.52 27.31
N ILE D 54 14.81 3.99 28.10
CA ILE D 54 16.13 4.61 28.16
C ILE D 54 17.29 3.64 27.98
N LYS D 55 17.01 2.34 27.99
CA LYS D 55 18.08 1.33 28.05
C LYS D 55 18.51 0.87 26.65
N ARG D 56 19.80 0.55 26.53
CA ARG D 56 20.38 0.07 25.28
C ARG D 56 20.71 -1.40 25.37
N PRO D 57 20.27 -2.23 24.43
CA PRO D 57 20.75 -3.62 24.40
C PRO D 57 22.26 -3.65 24.26
N SER D 58 22.84 -4.79 24.61
CA SER D 58 24.27 -4.98 24.42
C SER D 58 24.63 -4.76 22.95
N GLY D 59 25.77 -4.10 22.73
CA GLY D 59 26.28 -3.88 21.38
C GLY D 59 25.86 -2.56 20.74
N ILE D 60 24.84 -1.90 21.28
CA ILE D 60 24.30 -0.70 20.64
C ILE D 60 25.10 0.52 21.11
N SER D 61 25.39 1.41 20.16
CA SER D 61 26.20 2.59 20.47
C SER D 61 25.53 3.47 21.52
N ASP D 62 26.34 4.00 22.43
CA ASP D 62 25.81 4.95 23.39
C ASP D 62 25.45 6.30 22.75
N ARG D 63 25.62 6.45 21.43
CA ARG D 63 25.11 7.64 20.77
C ARG D 63 23.59 7.63 20.66
N PHE D 64 22.96 6.49 20.90
CA PHE D 64 21.50 6.41 20.94
C PHE D 64 21.03 6.56 22.38
N SER D 65 20.08 7.47 22.59
CA SER D 65 19.50 7.66 23.91
C SER D 65 18.01 7.87 23.77
N GLY D 66 17.29 7.62 24.85
CA GLY D 66 15.84 7.70 24.82
C GLY D 66 15.33 8.38 26.08
N SER D 67 14.15 8.97 25.96
CA SER D 67 13.46 9.55 27.11
C SER D 67 11.96 9.53 26.84
N LYS D 68 11.19 9.96 27.82
CA LYS D 68 9.78 10.19 27.60
C LYS D 68 9.24 11.12 28.67
N SER D 69 8.19 11.83 28.30
CA SER D 69 7.46 12.68 29.23
CA SER D 69 7.46 12.70 29.22
C SER D 69 5.99 12.54 28.89
N ALA D 70 5.18 12.17 29.88
CA ALA D 70 3.76 11.94 29.67
C ALA D 70 3.55 11.03 28.46
N ASN D 71 2.85 11.50 27.44
CA ASN D 71 2.44 10.71 26.29
CA ASN D 71 2.47 10.64 26.32
C ASN D 71 3.46 10.69 25.15
N THR D 72 4.62 11.33 25.32
CA THR D 72 5.57 11.48 24.22
C THR D 72 6.94 10.92 24.58
N ALA D 73 7.47 10.04 23.74
CA ALA D 73 8.82 9.52 23.86
C ALA D 73 9.73 10.20 22.84
N SER D 74 11.04 10.16 23.11
CA SER D 74 12.01 10.81 22.24
C SER D 74 13.24 9.95 22.10
N LEU D 75 13.71 9.80 20.86
CA LEU D 75 14.99 9.19 20.54
C LEU D 75 15.97 10.30 20.17
N THR D 76 17.12 10.33 20.81
CA THR D 76 18.20 11.24 20.44
C THR D 76 19.35 10.44 19.86
N ILE D 77 19.81 10.87 18.68
CA ILE D 77 21.03 10.36 18.07
C ILE D 77 22.06 11.47 18.15
N SER D 78 23.13 11.25 18.92
CA SER D 78 24.20 12.23 19.05
CA SER D 78 24.20 12.23 19.05
C SER D 78 25.33 11.91 18.07
N GLY D 79 26.15 12.92 17.80
CA GLY D 79 27.29 12.77 16.91
C GLY D 79 26.89 12.07 15.63
N LEU D 80 25.87 12.60 14.95
CA LEU D 80 25.26 11.94 13.81
C LEU D 80 26.32 11.54 12.78
N GLN D 81 26.16 10.34 12.24
CA GLN D 81 27.06 9.79 11.24
C GLN D 81 26.28 9.38 9.99
N ALA D 82 26.99 9.32 8.87
CA ALA D 82 26.35 8.95 7.60
C ALA D 82 25.64 7.61 7.71
N GLY D 83 26.25 6.65 8.40
CA GLY D 83 25.65 5.34 8.58
C GLY D 83 24.41 5.33 9.46
N ASP D 84 24.05 6.45 10.07
CA ASP D 84 22.80 6.53 10.82
C ASP D 84 21.60 6.77 9.94
N GLU D 85 21.80 7.08 8.66
CA GLU D 85 20.67 7.22 7.73
C GLU D 85 19.93 5.90 7.68
N ALA D 86 18.63 5.96 7.99
CA ALA D 86 17.81 4.76 8.16
C ALA D 86 16.41 5.19 8.56
N SER D 87 15.49 4.25 8.68
CA SER D 87 14.19 4.55 9.29
C SER D 87 14.21 4.12 10.75
N TYR D 88 13.53 4.88 11.60
CA TYR D 88 13.47 4.61 13.02
C TYR D 88 12.01 4.55 13.45
N TYR D 89 11.68 3.54 14.25
CA TYR D 89 10.31 3.30 14.69
C TYR D 89 10.27 3.25 16.20
N CYS D 90 9.29 3.90 16.79
CA CYS D 90 8.99 3.65 18.19
C CYS D 90 7.94 2.55 18.31
N SER D 91 7.89 1.95 19.48
CA SER D 91 6.93 0.92 19.80
C SER D 91 6.55 1.05 21.26
N SER D 92 5.30 0.72 21.57
CA SER D 92 4.83 0.73 22.94
C SER D 92 3.86 -0.40 23.18
N TYR D 93 3.99 -1.01 24.36
CA TYR D 93 2.92 -1.81 24.93
C TYR D 93 1.66 -0.95 25.03
N THR D 94 0.50 -1.60 24.90
CA THR D 94 -0.75 -0.86 24.97
C THR D 94 -1.87 -1.78 25.42
N THR D 95 -2.82 -1.17 26.15
CA THR D 95 -4.09 -1.79 26.49
C THR D 95 -5.25 -0.89 26.10
N LYS D 96 -5.07 0.00 25.14
CA LYS D 96 -6.11 0.93 24.74
C LYS D 96 -7.43 0.20 24.52
N LYS D 97 -8.46 0.65 25.21
CA LYS D 97 -9.76 -0.01 25.21
C LYS D 97 -10.80 0.72 24.35
N THR D 98 -10.49 1.91 23.85
CA THR D 98 -11.40 2.68 23.00
C THR D 98 -11.17 2.41 21.52
N SER D 99 -10.43 1.35 21.18
CA SER D 99 -10.14 1.06 19.77
C SER D 99 -11.43 0.85 18.98
N PHE D 100 -11.38 1.24 17.71
CA PHE D 100 -12.51 1.03 16.81
C PHE D 100 -12.82 -0.45 16.62
N PHE D 101 -11.85 -1.34 16.87
CA PHE D 101 -11.99 -2.75 16.57
C PHE D 101 -12.11 -3.63 17.81
N GLY D 102 -12.18 -3.03 19.00
CA GLY D 102 -12.37 -3.79 20.22
C GLY D 102 -11.27 -3.59 21.22
N PRO D 103 -11.44 -4.15 22.42
CA PRO D 103 -10.45 -3.93 23.48
C PRO D 103 -9.10 -4.57 23.16
N ALA D 104 -8.03 -3.85 23.49
CA ALA D 104 -6.67 -4.38 23.45
C ALA D 104 -6.33 -4.86 24.85
N THR D 105 -6.47 -6.16 25.10
CA THR D 105 -6.12 -6.72 26.40
C THR D 105 -4.62 -6.70 26.62
N ARG D 106 -3.88 -7.11 25.61
CA ARG D 106 -2.43 -7.02 25.53
C ARG D 106 -2.14 -6.72 24.07
N ALA D 107 -1.39 -5.65 23.79
CA ALA D 107 -1.06 -5.41 22.40
C ALA D 107 0.17 -4.53 22.33
N TYR D 108 0.74 -4.44 21.14
CA TYR D 108 1.79 -3.49 20.86
C TYR D 108 1.37 -2.62 19.69
N VAL D 109 1.89 -1.40 19.69
CA VAL D 109 1.64 -0.47 18.59
C VAL D 109 2.98 0.13 18.21
N PHE D 110 3.12 0.41 16.92
CA PHE D 110 4.32 1.02 16.36
C PHE D 110 4.01 2.42 15.88
N GLY D 111 5.03 3.28 15.92
CA GLY D 111 4.97 4.54 15.23
C GLY D 111 5.05 4.34 13.72
N SER D 112 4.70 5.41 13.00
CA SER D 112 4.68 5.36 11.55
C SER D 112 6.07 5.38 10.93
N GLY D 113 7.10 5.68 11.71
CA GLY D 113 8.46 5.66 11.21
C GLY D 113 8.98 7.02 10.78
N THR D 114 10.24 7.27 11.08
CA THR D 114 10.93 8.52 10.73
C THR D 114 12.15 8.17 9.90
N GLN D 115 12.28 8.79 8.74
CA GLN D 115 13.49 8.65 7.94
C GLN D 115 14.49 9.72 8.37
N VAL D 116 15.69 9.29 8.74
CA VAL D 116 16.76 10.20 9.14
C VAL D 116 17.63 10.49 7.93
N THR D 117 17.85 11.77 7.66
CA THR D 117 18.77 12.22 6.62
C THR D 117 19.95 12.94 7.28
N VAL D 118 21.15 12.64 6.80
CA VAL D 118 22.35 13.34 7.24
C VAL D 118 22.70 14.34 6.15
N LEU D 119 22.77 15.63 6.52
CA LEU D 119 22.97 16.71 5.57
C LEU D 119 24.42 16.82 5.15
N GLY D 120 24.66 17.62 4.11
CA GLY D 120 25.99 17.93 3.66
C GLY D 120 26.57 16.95 2.67
N GLN D 121 25.82 15.94 2.27
CA GLN D 121 26.31 15.02 1.26
C GLN D 121 26.52 15.78 -0.04
N PRO D 122 27.71 15.74 -0.63
CA PRO D 122 27.95 16.53 -1.84
C PRO D 122 27.24 15.94 -3.04
N LYS D 123 26.84 16.83 -3.94
CA LYS D 123 26.25 16.40 -5.21
C LYS D 123 27.15 15.38 -5.89
N ALA D 124 26.52 14.41 -6.56
CA ALA D 124 27.26 13.37 -7.25
C ALA D 124 26.51 13.00 -8.52
N ASN D 125 27.19 13.07 -9.64
CA ASN D 125 26.51 12.81 -10.90
C ASN D 125 26.50 11.31 -11.19
N PRO D 126 25.48 10.82 -11.88
CA PRO D 126 25.30 9.37 -11.98
C PRO D 126 26.33 8.71 -12.89
N THR D 127 26.64 7.47 -12.54
CA THR D 127 27.31 6.54 -13.44
C THR D 127 26.24 5.79 -14.21
N VAL D 128 26.37 5.76 -15.55
CA VAL D 128 25.35 5.18 -16.43
C VAL D 128 26.00 4.08 -17.24
N THR D 129 25.40 2.89 -17.20
CA THR D 129 25.86 1.72 -17.97
C THR D 129 24.70 1.20 -18.79
N LEU D 130 24.89 1.12 -20.10
CA LEU D 130 23.84 0.69 -21.02
C LEU D 130 24.29 -0.61 -21.69
N PHE D 131 23.53 -1.68 -21.48
CA PHE D 131 23.78 -2.97 -22.08
C PHE D 131 22.77 -3.25 -23.19
N PRO D 132 23.24 -3.69 -24.35
CA PRO D 132 22.32 -4.13 -25.40
C PRO D 132 21.76 -5.50 -25.08
N PRO D 133 20.83 -5.99 -25.88
CA PRO D 133 20.33 -7.36 -25.66
C PRO D 133 21.46 -8.36 -25.83
N SER D 134 21.52 -9.33 -24.92
CA SER D 134 22.47 -10.43 -25.10
C SER D 134 22.06 -11.28 -26.29
N SER D 135 23.04 -11.95 -26.89
CA SER D 135 22.71 -12.88 -27.97
C SER D 135 21.84 -14.01 -27.45
N GLU D 136 22.06 -14.40 -26.18
CA GLU D 136 21.23 -15.44 -25.57
C GLU D 136 19.78 -14.99 -25.45
N GLU D 137 19.55 -13.72 -25.12
CA GLU D 137 18.18 -13.24 -25.01
C GLU D 137 17.52 -13.16 -26.37
N LEU D 138 18.23 -12.64 -27.38
CA LEU D 138 17.70 -12.62 -28.73
C LEU D 138 17.35 -14.03 -29.19
N GLN D 139 18.18 -15.01 -28.86
CA GLN D 139 17.88 -16.39 -29.23
C GLN D 139 16.59 -16.86 -28.58
N ALA D 140 16.25 -16.32 -27.42
CA ALA D 140 14.99 -16.60 -26.75
C ALA D 140 13.85 -15.73 -27.28
N ASN D 141 14.05 -15.04 -28.39
CA ASN D 141 13.00 -14.24 -29.03
C ASN D 141 12.58 -13.06 -28.16
N LYS D 142 13.51 -12.52 -27.37
CA LYS D 142 13.26 -11.37 -26.52
C LYS D 142 14.37 -10.36 -26.76
N ALA D 143 14.09 -9.08 -26.51
CA ALA D 143 15.17 -8.11 -26.46
C ALA D 143 14.89 -7.10 -25.35
N THR D 144 15.90 -6.90 -24.50
CA THR D 144 15.84 -5.88 -23.45
C THR D 144 17.10 -5.05 -23.48
N LEU D 145 16.94 -3.72 -23.50
CA LEU D 145 18.03 -2.80 -23.26
C LEU D 145 18.04 -2.45 -21.77
N VAL D 146 19.21 -2.53 -21.15
CA VAL D 146 19.34 -2.38 -19.70
C VAL D 146 20.19 -1.16 -19.41
N CYS D 147 19.59 -0.15 -18.79
CA CYS D 147 20.26 1.09 -18.42
C CYS D 147 20.33 1.16 -16.89
N LEU D 148 21.53 1.09 -16.35
CA LEU D 148 21.76 1.04 -14.92
C LEU D 148 22.41 2.35 -14.48
N ILE D 149 21.84 2.97 -13.47
CA ILE D 149 22.19 4.32 -13.05
C ILE D 149 22.54 4.25 -11.57
N SER D 150 23.76 4.66 -11.21
CA SER D 150 24.21 4.45 -9.85
C SER D 150 25.02 5.63 -9.34
N ASP D 151 25.10 5.73 -8.02
CA ASP D 151 26.02 6.63 -7.34
C ASP D 151 25.73 8.10 -7.64
N PHE D 152 24.44 8.47 -7.67
CA PHE D 152 24.10 9.87 -7.81
C PHE D 152 23.47 10.41 -6.54
N TYR D 153 23.62 11.72 -6.36
CA TYR D 153 23.02 12.45 -5.26
C TYR D 153 22.82 13.90 -5.66
N PRO D 154 21.65 14.49 -5.35
CA PRO D 154 20.48 13.91 -4.68
C PRO D 154 19.80 12.82 -5.50
N GLY D 155 18.74 12.23 -4.95
CA GLY D 155 18.15 11.03 -5.52
C GLY D 155 17.00 11.28 -6.47
N ALA D 156 17.21 12.13 -7.46
CA ALA D 156 16.21 12.38 -8.49
C ALA D 156 16.91 12.52 -9.83
N VAL D 157 16.49 11.68 -10.79
CA VAL D 157 16.95 11.76 -12.16
C VAL D 157 15.73 11.63 -13.06
N THR D 158 15.87 12.11 -14.28
CA THR D 158 14.92 11.81 -15.32
C THR D 158 15.61 11.01 -16.40
N VAL D 159 14.93 9.99 -16.89
CA VAL D 159 15.48 9.08 -17.89
C VAL D 159 14.62 9.20 -19.14
N ALA D 160 15.28 9.41 -20.27
CA ALA D 160 14.62 9.50 -21.56
C ALA D 160 15.34 8.56 -22.52
N TRP D 161 14.56 7.83 -23.32
CA TRP D 161 15.12 6.92 -24.31
C TRP D 161 14.88 7.47 -25.71
N LYS D 162 15.84 7.22 -26.59
CA LYS D 162 15.70 7.56 -28.01
C LYS D 162 15.93 6.32 -28.86
N ALA D 163 15.10 6.17 -29.88
CA ALA D 163 15.29 5.19 -30.93
C ALA D 163 15.63 5.98 -32.19
N ASP D 164 16.78 5.67 -32.78
CA ASP D 164 17.35 6.54 -33.78
C ASP D 164 17.42 7.95 -33.19
N SER D 165 16.73 8.93 -33.76
CA SER D 165 16.73 10.28 -33.19
C SER D 165 15.37 10.66 -32.60
N SER D 166 14.46 9.72 -32.47
CA SER D 166 13.13 10.07 -31.97
C SER D 166 12.97 9.62 -30.52
N PRO D 167 12.28 10.41 -29.69
CA PRO D 167 11.95 9.92 -28.35
C PRO D 167 11.11 8.66 -28.44
N VAL D 168 11.35 7.73 -27.51
CA VAL D 168 10.55 6.52 -27.42
C VAL D 168 10.03 6.39 -26.00
N LYS D 169 8.74 6.08 -25.87
CA LYS D 169 8.12 5.87 -24.57
C LYS D 169 7.52 4.48 -24.41
N ALA D 170 7.05 3.86 -25.49
CA ALA D 170 6.49 2.52 -25.40
C ALA D 170 7.57 1.53 -24.97
N GLY D 171 7.24 0.71 -23.98
CA GLY D 171 8.17 -0.30 -23.51
C GLY D 171 9.21 0.19 -22.53
N VAL D 172 9.15 1.45 -22.10
CA VAL D 172 10.09 1.96 -21.11
C VAL D 172 9.59 1.63 -19.71
N GLU D 173 10.47 1.04 -18.91
CA GLU D 173 10.15 0.64 -17.54
C GLU D 173 11.26 1.20 -16.66
N THR D 174 10.94 2.18 -15.83
CA THR D 174 11.95 2.84 -15.00
C THR D 174 11.58 2.73 -13.54
N THR D 175 12.57 2.41 -12.70
CA THR D 175 12.36 2.33 -11.27
C THR D 175 12.54 3.71 -10.63
N THR D 176 11.84 3.91 -9.53
CA THR D 176 12.11 5.08 -8.71
C THR D 176 13.50 4.93 -8.07
N PRO D 177 14.27 6.01 -7.95
CA PRO D 177 15.60 5.87 -7.35
C PRO D 177 15.50 5.35 -5.93
N SER D 178 16.42 4.45 -5.59
CA SER D 178 16.49 3.85 -4.26
C SER D 178 17.84 4.14 -3.64
N LYS D 179 17.84 4.34 -2.32
CA LYS D 179 19.07 4.62 -1.60
C LYS D 179 19.98 3.39 -1.60
N GLN D 180 21.26 3.63 -1.85
CA GLN D 180 22.27 2.60 -1.77
C GLN D 180 22.82 2.53 -0.34
N SER D 181 23.54 1.44 -0.06
CA SER D 181 24.18 1.30 1.24
C SER D 181 25.10 2.47 1.54
N ASN D 182 25.71 3.08 0.52
CA ASN D 182 26.60 4.21 0.71
C ASN D 182 25.87 5.55 0.74
N ASN D 183 24.54 5.54 0.84
CA ASN D 183 23.66 6.70 0.96
C ASN D 183 23.49 7.45 -0.37
N LYS D 184 24.20 7.08 -1.43
CA LYS D 184 23.88 7.58 -2.76
C LYS D 184 22.72 6.77 -3.32
N TYR D 185 22.23 7.17 -4.49
CA TYR D 185 21.04 6.58 -5.08
C TYR D 185 21.37 5.78 -6.33
N ALA D 186 20.51 4.81 -6.62
CA ALA D 186 20.58 4.01 -7.83
C ALA D 186 19.18 3.87 -8.40
N ALA D 187 19.12 3.53 -9.68
CA ALA D 187 17.87 3.34 -10.40
C ALA D 187 18.20 2.57 -11.67
N SER D 188 17.15 2.02 -12.27
CA SER D 188 17.32 1.29 -13.52
C SER D 188 16.19 1.63 -14.46
N SER D 189 16.48 1.52 -15.75
CA SER D 189 15.48 1.72 -16.77
C SER D 189 15.70 0.67 -17.84
N TYR D 190 14.64 -0.02 -18.21
CA TYR D 190 14.66 -1.08 -19.21
C TYR D 190 13.84 -0.61 -20.39
N LEU D 191 14.32 -0.94 -21.59
CA LEU D 191 13.52 -0.78 -22.80
C LEU D 191 13.24 -2.16 -23.36
N SER D 192 11.97 -2.55 -23.38
CA SER D 192 11.56 -3.85 -23.91
C SER D 192 11.28 -3.72 -25.41
N LEU D 193 11.91 -4.59 -26.18
CA LEU D 193 11.83 -4.59 -27.63
C LEU D 193 11.70 -6.02 -28.14
N THR D 194 11.04 -6.15 -29.30
CA THR D 194 11.16 -7.36 -30.07
C THR D 194 12.54 -7.41 -30.71
N PRO D 195 13.02 -8.59 -31.06
CA PRO D 195 14.28 -8.67 -31.84
C PRO D 195 14.23 -7.91 -33.16
N GLU D 196 13.07 -7.88 -33.83
CA GLU D 196 12.97 -7.15 -35.09
C GLU D 196 13.16 -5.65 -34.88
N GLN D 197 12.59 -5.10 -33.81
CA GLN D 197 12.80 -3.68 -33.53
C GLN D 197 14.26 -3.40 -33.25
N TRP D 198 14.90 -4.23 -32.42
CA TRP D 198 16.31 -4.03 -32.11
C TRP D 198 17.15 -4.07 -33.37
N LYS D 199 16.93 -5.06 -34.23
CA LYS D 199 17.78 -5.19 -35.41
C LYS D 199 17.48 -4.14 -36.47
N SER D 200 16.29 -3.53 -36.45
CA SER D 200 15.88 -2.69 -37.56
C SER D 200 16.13 -1.20 -37.34
N HIS D 201 16.59 -0.79 -36.16
CA HIS D 201 16.88 0.61 -35.89
C HIS D 201 18.37 0.89 -35.97
N LYS D 202 18.71 2.16 -36.20
CA LYS D 202 20.12 2.56 -36.23
C LYS D 202 20.77 2.41 -34.87
N SER D 203 20.07 2.84 -33.82
CA SER D 203 20.67 2.91 -32.49
C SER D 203 19.57 3.17 -31.48
N TYR D 204 19.91 2.92 -30.22
CA TYR D 204 19.07 3.25 -29.08
C TYR D 204 19.95 3.94 -28.05
N SER D 205 19.40 4.95 -27.40
CA SER D 205 20.16 5.74 -26.44
CA SER D 205 20.15 5.75 -26.45
C SER D 205 19.36 5.90 -25.16
N CYS D 206 20.07 5.78 -24.04
CA CYS D 206 19.56 6.05 -22.70
C CYS D 206 20.20 7.34 -22.23
N GLN D 207 19.36 8.34 -21.95
CA GLN D 207 19.80 9.68 -21.58
C GLN D 207 19.30 9.98 -20.17
N VAL D 208 20.23 10.24 -19.25
CA VAL D 208 19.93 10.43 -17.85
C VAL D 208 20.30 11.85 -17.49
N THR D 209 19.32 12.61 -17.00
CA THR D 209 19.55 13.99 -16.59
C THR D 209 19.41 14.09 -15.07
N HIS D 210 20.40 14.73 -14.46
CA HIS D 210 20.49 14.87 -13.01
C HIS D 210 20.83 16.33 -12.75
N GLU D 211 19.88 17.05 -12.16
CA GLU D 211 20.03 18.48 -11.87
C GLU D 211 20.65 19.22 -13.05
N GLY D 212 20.11 18.96 -14.24
CA GLY D 212 20.46 19.72 -15.42
C GLY D 212 21.64 19.17 -16.21
N SER D 213 22.37 18.21 -15.68
CA SER D 213 23.51 17.63 -16.40
C SER D 213 23.12 16.26 -16.92
N THR D 214 23.47 15.97 -18.18
CA THR D 214 23.01 14.76 -18.84
C THR D 214 24.20 13.85 -19.16
N VAL D 215 24.05 12.57 -18.83
CA VAL D 215 24.93 11.50 -19.29
C VAL D 215 24.13 10.66 -20.28
N GLU D 216 24.70 10.43 -21.46
CA GLU D 216 24.03 9.66 -22.50
C GLU D 216 24.88 8.46 -22.87
N LYS D 217 24.24 7.32 -23.07
CA LYS D 217 24.89 6.15 -23.65
C LYS D 217 24.06 5.66 -24.82
N THR D 218 24.73 5.08 -25.81
CA THR D 218 24.09 4.63 -27.04
C THR D 218 24.64 3.25 -27.41
N VAL D 219 23.75 2.38 -27.84
CA VAL D 219 24.12 1.05 -28.35
C VAL D 219 23.42 0.83 -29.67
N ALA D 220 23.98 -0.08 -30.48
CA ALA D 220 23.49 -0.32 -31.82
C ALA D 220 23.68 -1.79 -32.17
N PRO D 221 22.75 -2.38 -32.93
CA PRO D 221 22.88 -3.80 -33.29
C PRO D 221 24.07 -4.10 -34.19
N THR D 222 24.69 -3.08 -34.79
CA THR D 222 25.83 -3.30 -35.66
C THR D 222 27.13 -3.47 -34.87
N GLU D 223 27.14 -3.04 -33.61
CA GLU D 223 28.31 -3.12 -32.76
C GLU D 223 28.45 -4.53 -32.17
N CYS D 224 29.69 -4.93 -31.93
CA CYS D 224 29.91 -6.12 -31.11
C CYS D 224 29.40 -5.88 -29.71
N SER D 225 29.68 -4.70 -29.16
CA SER D 225 29.05 -4.21 -27.95
C SER D 225 27.95 -3.21 -28.33
#